data_8OY4
#
_entry.id   8OY4
#
_cell.length_a   70.200
_cell.length_b   117.760
_cell.length_c   170.470
_cell.angle_alpha   90.000
_cell.angle_beta   90.000
_cell.angle_gamma   90.000
#
_symmetry.space_group_name_H-M   'P 21 21 21'
#
loop_
_entity.id
_entity.type
_entity.pdbx_description
1 polymer 'Deoxyribodipyrimidine photo-lyase'
2 polymer 'CPD-COMPRISING OLIGONUCLEOTIDE'
3 polymer COUNTERSTRAND-OLIGONUCLEOTIDE
4 non-polymer 'SULFATE ION'
5 non-polymer 'DIHYDROFLAVINE-ADENINE DINUCLEOTIDE'
6 water water
#
loop_
_entity_poly.entity_id
_entity_poly.type
_entity_poly.pdbx_seq_one_letter_code
_entity_poly.pdbx_strand_id
1 'polypeptide(L)'
;MGSSHHHHHHSSGLVPRGSHMIMNPKRIRALKSGKQGDGPVVYWMSRDQRAEDNWALLFSRAIAKEANVPVVVVFCLTDE
FLEAGIRQYEFMLKGLQELEVSLSRKKIPSFFLRGDPGEKISRFVKDYNAGTLVTDFSPLRIKNQWIEKVISGISIPFFE
VDAHNVVPCWEASQKHEYAAHTFRPKLYALLPEFLEEFPELEPNSVTPELSAGAGMVETLSDVLETGVKALLPERALLKN
KDPLFEPWHFEPGEKAAKKVMESFIADRLDSYGALRNDPTKNMLSNLSPYLHFGQISSQRVVLEVEKAESNPGSKKAFLD
EILIWKEISDNFCYYNPGYDGFESFPSWAKESLNAHRNDVRSHIYTLEEFEAGKTHDPLWNASQMELLSTGKMHGYMRMY
WAKKILEWSESPEKALEIAICLNDRYELDGRDPNGYAGIAWSIGGVHDRAWGEREVTGKIRYMSYEGCKRKFDVKLYIEK
YSALDKLAAALEHHHHHH
;
A,B
2 'polydeoxyribonucleotide' (DA)(DT)(DC)(DG)(DG)(DC)(WUH)(DC)(DG)(DC)(DG)(DC)(DA) C,E
3 'polydeoxyribonucleotide' (DT)(DT)(DG)(DC)(DG)(DC)(DG)(DA)(DA)(DG)(DC)(DC)(DG)(DA) D,F
#
loop_
_chem_comp.id
_chem_comp.type
_chem_comp.name
_chem_comp.formula
DA DNA linking 2'-DEOXYADENOSINE-5'-MONOPHOSPHATE 'C10 H14 N5 O6 P'
DC DNA linking 2'-DEOXYCYTIDINE-5'-MONOPHOSPHATE 'C9 H14 N3 O7 P'
DG DNA linking 2'-DEOXYGUANOSINE-5'-MONOPHOSPHATE 'C10 H14 N5 O7 P'
DT DNA linking THYMIDINE-5'-MONOPHOSPHATE 'C10 H15 N2 O8 P'
FDA non-polymer 'DIHYDROFLAVINE-ADENINE DINUCLEOTIDE' 'C27 H35 N9 O15 P2'
SO4 non-polymer 'SULFATE ION' 'O4 S -2'
WUH DNA linking 'Thymine dimer' 'C20 H28 N4 O15 P2 -2'
#
# COMPACT_ATOMS: atom_id res chain seq x y z
N MET A 23 -1.37 20.39 -38.46
CA MET A 23 -1.76 19.88 -37.15
C MET A 23 -2.56 20.94 -36.42
N ASN A 24 -3.46 20.53 -35.52
CA ASN A 24 -4.13 21.50 -34.66
C ASN A 24 -3.16 21.89 -33.57
N PRO A 25 -2.73 23.15 -33.53
CA PRO A 25 -1.66 23.51 -32.59
C PRO A 25 -2.03 23.25 -31.14
N LYS A 26 -3.29 23.50 -30.76
CA LYS A 26 -3.73 23.29 -29.39
C LYS A 26 -3.33 21.93 -28.81
N ARG A 27 -2.89 20.99 -29.67
CA ARG A 27 -2.42 19.68 -29.20
C ARG A 27 -1.03 19.75 -28.60
N ILE A 28 -0.38 20.92 -28.69
CA ILE A 28 1.00 21.07 -28.27
C ILE A 28 1.08 21.97 -27.06
N ARG A 29 1.88 21.55 -26.11
CA ARG A 29 2.32 22.34 -24.98
C ARG A 29 3.82 22.55 -25.15
N ALA A 30 4.27 23.78 -24.99
CA ALA A 30 5.70 24.01 -24.85
C ALA A 30 6.08 23.78 -23.40
N LEU A 31 7.03 22.88 -23.17
CA LEU A 31 7.54 22.64 -21.81
C LEU A 31 8.69 23.57 -21.48
N LYS A 32 9.80 23.44 -22.21
CA LYS A 32 10.98 24.22 -21.93
C LYS A 32 11.37 25.00 -23.16
N SER A 33 11.52 26.30 -22.98
CA SER A 33 11.87 27.21 -24.05
C SER A 33 13.36 27.46 -24.02
N GLY A 34 13.99 27.37 -25.16
CA GLY A 34 15.38 27.69 -25.29
C GLY A 34 15.68 28.02 -26.73
N LYS A 35 16.94 27.85 -27.10
CA LYS A 35 17.40 28.14 -28.45
C LYS A 35 17.44 26.82 -29.21
N GLN A 36 16.77 26.77 -30.37
CA GLN A 36 16.68 25.53 -31.11
C GLN A 36 18.06 25.12 -31.58
N GLY A 37 18.54 23.99 -31.07
CA GLY A 37 19.81 23.48 -31.52
C GLY A 37 19.81 23.19 -33.01
N ASP A 38 21.01 23.07 -33.57
CA ASP A 38 21.11 22.79 -35.00
C ASP A 38 20.77 21.35 -35.36
N GLY A 39 20.49 20.52 -34.37
CA GLY A 39 20.47 19.09 -34.61
C GLY A 39 19.14 18.51 -35.00
N PRO A 40 19.03 17.20 -34.82
CA PRO A 40 17.76 16.52 -35.10
C PRO A 40 16.69 16.83 -34.07
N VAL A 41 15.46 16.58 -34.49
CA VAL A 41 14.32 16.57 -33.59
C VAL A 41 14.23 15.19 -32.96
N VAL A 42 14.32 15.12 -31.64
CA VAL A 42 14.24 13.86 -30.92
C VAL A 42 12.84 13.71 -30.32
N TYR A 43 12.10 12.69 -30.75
CA TYR A 43 10.82 12.32 -30.14
C TYR A 43 11.10 11.40 -28.96
N TRP A 44 10.79 11.86 -27.76
CA TRP A 44 10.89 11.01 -26.60
C TRP A 44 9.59 10.22 -26.52
N MET A 45 9.65 8.94 -26.88
CA MET A 45 8.47 8.09 -27.05
C MET A 45 8.14 7.41 -25.71
N SER A 46 7.02 7.78 -25.11
CA SER A 46 6.70 7.17 -23.82
C SER A 46 5.41 6.36 -23.91
N ARG A 47 4.25 7.05 -23.97
CA ARG A 47 2.92 6.44 -23.91
C ARG A 47 2.51 5.84 -25.25
N ASP A 48 2.76 6.56 -26.33
CA ASP A 48 2.18 6.24 -27.62
C ASP A 48 3.18 5.48 -28.50
N GLN A 49 3.22 4.16 -28.32
CA GLN A 49 4.18 3.27 -28.97
C GLN A 49 3.54 2.74 -30.25
N ARG A 50 3.47 3.63 -31.24
CA ARG A 50 2.91 3.30 -32.55
C ARG A 50 3.54 4.23 -33.58
N ALA A 51 3.52 3.78 -34.83
CA ALA A 51 4.05 4.59 -35.92
C ALA A 51 2.96 5.38 -36.64
N GLU A 52 1.72 4.91 -36.63
CA GLU A 52 0.64 5.60 -37.32
C GLU A 52 -0.20 6.36 -36.30
N ASP A 53 -0.96 7.36 -36.78
CA ASP A 53 -1.96 8.01 -35.96
C ASP A 53 -1.36 8.49 -34.65
N ASN A 54 -0.21 9.12 -34.78
CA ASN A 54 0.55 9.59 -33.63
C ASN A 54 0.82 11.08 -33.83
N TRP A 55 0.04 11.93 -33.15
CA TRP A 55 0.23 13.37 -33.29
C TRP A 55 1.60 13.79 -32.78
N ALA A 56 2.16 13.04 -31.82
CA ALA A 56 3.49 13.41 -31.32
C ALA A 56 4.54 13.24 -32.41
N LEU A 57 4.67 12.02 -32.95
CA LEU A 57 5.63 11.81 -34.02
C LEU A 57 5.26 12.61 -35.28
N LEU A 58 3.97 12.84 -35.51
CA LEU A 58 3.62 13.71 -36.64
C LEU A 58 4.11 15.13 -36.40
N PHE A 59 4.19 15.58 -35.13
CA PHE A 59 4.71 16.92 -34.88
C PHE A 59 6.24 16.96 -35.04
N SER A 60 6.95 16.01 -34.43
CA SER A 60 8.39 15.92 -34.55
C SER A 60 8.86 15.99 -36.01
N ARG A 61 8.20 15.22 -36.88
CA ARG A 61 8.60 15.21 -38.27
C ARG A 61 8.42 16.58 -38.90
N ALA A 62 7.37 17.31 -38.48
CA ALA A 62 7.12 18.64 -39.03
C ALA A 62 8.22 19.60 -38.61
N ILE A 63 8.70 19.47 -37.38
CA ILE A 63 9.81 20.31 -36.94
C ILE A 63 11.10 19.86 -37.60
N ALA A 64 11.28 18.57 -37.78
CA ALA A 64 12.43 18.10 -38.53
C ALA A 64 12.37 18.54 -39.98
N LYS A 65 11.17 18.72 -40.53
CA LYS A 65 11.06 19.09 -41.94
C LYS A 65 11.41 20.54 -42.15
N GLU A 66 10.77 21.45 -41.41
CA GLU A 66 11.04 22.88 -41.64
C GLU A 66 12.53 23.16 -41.54
N ALA A 67 13.23 22.51 -40.60
CA ALA A 67 14.64 22.77 -40.32
C ALA A 67 15.59 21.86 -41.11
N ASN A 68 15.03 20.98 -41.95
CA ASN A 68 15.81 20.10 -42.81
C ASN A 68 16.82 19.29 -42.00
N VAL A 69 16.40 18.90 -40.80
CA VAL A 69 17.12 18.00 -39.93
C VAL A 69 16.28 16.73 -39.83
N PRO A 70 16.84 15.60 -39.42
CA PRO A 70 16.07 14.36 -39.38
C PRO A 70 15.19 14.27 -38.14
N VAL A 71 14.34 13.26 -38.12
CA VAL A 71 13.62 12.89 -36.91
C VAL A 71 14.14 11.54 -36.43
N VAL A 72 14.22 11.39 -35.12
CA VAL A 72 14.66 10.15 -34.48
C VAL A 72 13.79 9.90 -33.25
N VAL A 73 13.69 8.62 -32.89
CA VAL A 73 12.90 8.17 -31.75
C VAL A 73 13.85 7.64 -30.68
N VAL A 74 13.58 7.95 -29.41
CA VAL A 74 14.33 7.37 -28.31
C VAL A 74 13.34 6.88 -27.25
N PHE A 75 13.37 5.59 -26.97
CA PHE A 75 12.51 4.97 -25.98
C PHE A 75 13.34 4.66 -24.73
N CYS A 76 12.75 4.82 -23.56
CA CYS A 76 13.49 4.62 -22.30
C CYS A 76 12.87 3.46 -21.51
N LEU A 77 13.62 2.36 -21.37
CA LEU A 77 13.14 1.13 -20.72
C LEU A 77 13.58 1.16 -19.27
N THR A 78 12.64 1.39 -18.37
CA THR A 78 12.99 1.62 -16.98
C THR A 78 12.75 0.36 -16.16
N ASP A 79 13.29 0.36 -14.95
CA ASP A 79 13.22 -0.80 -14.07
C ASP A 79 11.85 -0.98 -13.45
N GLU A 80 10.87 -0.22 -13.90
CA GLU A 80 9.50 -0.40 -13.43
C GLU A 80 8.86 -1.67 -13.95
N PHE A 81 9.48 -2.37 -14.92
CA PHE A 81 8.88 -3.59 -15.45
C PHE A 81 8.83 -4.67 -14.39
N LEU A 82 9.81 -4.68 -13.47
CA LEU A 82 9.90 -5.62 -12.35
C LEU A 82 8.79 -5.42 -11.32
N GLU A 83 8.02 -4.34 -11.39
CA GLU A 83 6.82 -4.26 -10.57
C GLU A 83 5.70 -5.11 -11.16
N ALA A 84 5.67 -5.30 -12.49
CA ALA A 84 4.65 -6.16 -13.10
C ALA A 84 5.26 -7.51 -13.42
N GLY A 85 4.96 -8.08 -14.59
CA GLY A 85 5.35 -9.47 -14.79
C GLY A 85 5.58 -9.80 -16.24
N ILE A 86 5.91 -11.08 -16.49
CA ILE A 86 6.27 -11.50 -17.84
C ILE A 86 5.21 -11.09 -18.84
N ARG A 87 3.93 -11.30 -18.46
CA ARG A 87 2.81 -11.06 -19.38
C ARG A 87 2.85 -9.65 -19.98
N GLN A 88 2.99 -8.60 -19.16
CA GLN A 88 3.00 -7.25 -19.70
C GLN A 88 4.29 -6.98 -20.47
N TYR A 89 5.42 -7.40 -19.92
CA TYR A 89 6.72 -7.03 -20.44
C TYR A 89 6.93 -7.61 -21.83
N GLU A 90 6.51 -8.85 -22.01
CA GLU A 90 6.57 -9.51 -23.32
C GLU A 90 5.69 -8.79 -24.33
N PHE A 91 4.39 -8.71 -24.04
CA PHE A 91 3.44 -7.91 -24.83
C PHE A 91 4.01 -6.58 -25.31
N MET A 92 4.80 -5.90 -24.47
CA MET A 92 5.27 -4.55 -24.78
C MET A 92 6.53 -4.55 -25.62
N LEU A 93 7.47 -5.45 -25.31
CA LEU A 93 8.70 -5.53 -26.07
C LEU A 93 8.55 -6.36 -27.31
N LYS A 94 7.32 -6.56 -27.76
CA LYS A 94 7.08 -7.04 -29.10
C LYS A 94 6.27 -6.06 -29.90
N GLY A 95 5.49 -5.21 -29.24
CA GLY A 95 5.15 -3.97 -29.89
C GLY A 95 6.43 -3.35 -30.40
N LEU A 96 7.44 -3.25 -29.53
CA LEU A 96 8.61 -2.44 -29.82
C LEU A 96 9.47 -3.04 -30.93
N GLN A 97 9.67 -4.36 -30.94
CA GLN A 97 10.48 -4.91 -32.03
C GLN A 97 9.84 -4.61 -33.39
N GLU A 98 8.50 -4.75 -33.48
CA GLU A 98 7.79 -4.47 -34.72
C GLU A 98 7.75 -2.99 -34.99
N LEU A 99 7.63 -2.18 -33.95
CA LEU A 99 7.65 -0.74 -34.09
C LEU A 99 8.91 -0.29 -34.81
N GLU A 100 10.03 -0.94 -34.50
CA GLU A 100 11.31 -0.49 -35.02
C GLU A 100 11.48 -0.88 -36.48
N VAL A 101 11.05 -2.08 -36.84
CA VAL A 101 11.04 -2.42 -38.26
C VAL A 101 10.23 -1.39 -39.04
N SER A 102 9.10 -0.97 -38.48
CA SER A 102 8.26 0.02 -39.15
C SER A 102 8.98 1.35 -39.29
N LEU A 103 9.67 1.80 -38.24
CA LEU A 103 10.27 3.12 -38.26
C LEU A 103 11.48 3.19 -39.18
N SER A 104 12.34 2.18 -39.14
CA SER A 104 13.44 2.11 -40.08
C SER A 104 12.94 2.16 -41.51
N ARG A 105 11.82 1.49 -41.79
CA ARG A 105 11.21 1.51 -43.12
C ARG A 105 10.78 2.92 -43.54
N LYS A 106 10.61 3.83 -42.59
CA LYS A 106 10.38 5.23 -42.90
C LYS A 106 11.64 6.06 -42.78
N LYS A 107 12.78 5.38 -42.59
CA LYS A 107 14.10 6.00 -42.46
C LYS A 107 14.24 6.78 -41.16
N ILE A 108 13.45 6.44 -40.15
CA ILE A 108 13.57 7.03 -38.82
C ILE A 108 14.15 6.01 -37.85
N PRO A 109 15.44 6.09 -37.52
CA PRO A 109 16.00 5.12 -36.58
C PRO A 109 15.50 5.37 -35.17
N SER A 110 15.32 4.28 -34.43
CA SER A 110 14.86 4.34 -33.05
C SER A 110 15.99 3.88 -32.15
N PHE A 111 16.02 4.46 -30.94
CA PHE A 111 17.04 4.16 -29.95
C PHE A 111 16.40 3.77 -28.61
N PHE A 112 17.06 2.85 -27.93
CA PHE A 112 16.50 2.22 -26.75
C PHE A 112 17.54 2.33 -25.64
N LEU A 113 17.30 3.23 -24.68
CA LEU A 113 18.14 3.39 -23.50
C LEU A 113 17.58 2.57 -22.32
N ARG A 114 18.46 2.29 -21.36
CA ARG A 114 18.17 1.34 -20.31
C ARG A 114 18.47 1.99 -18.93
N GLY A 115 17.67 3.00 -18.58
CA GLY A 115 17.82 3.57 -17.25
C GLY A 115 16.76 4.57 -16.81
N ASP A 116 17.17 5.49 -15.95
CA ASP A 116 16.29 6.53 -15.41
C ASP A 116 16.10 7.61 -16.46
N PRO A 117 14.88 7.84 -16.96
CA PRO A 117 14.73 8.82 -18.05
C PRO A 117 15.33 10.19 -17.72
N GLY A 118 15.05 10.74 -16.53
CA GLY A 118 15.61 12.05 -16.21
C GLY A 118 17.10 12.10 -16.42
N GLU A 119 17.79 11.06 -15.97
CA GLU A 119 19.24 10.92 -16.16
C GLU A 119 19.58 10.62 -17.61
N LYS A 120 18.90 9.64 -18.21
CA LYS A 120 19.34 9.04 -19.46
C LYS A 120 18.95 9.89 -20.68
N ILE A 121 17.69 10.32 -20.76
CA ILE A 121 17.25 11.19 -21.84
C ILE A 121 18.09 12.47 -21.90
N SER A 122 18.54 12.96 -20.74
CA SER A 122 19.31 14.20 -20.72
C SER A 122 20.69 14.02 -21.32
N ARG A 123 21.31 12.87 -21.08
CA ARG A 123 22.56 12.60 -21.78
C ARG A 123 22.33 12.49 -23.28
N PHE A 124 21.25 11.80 -23.70
CA PHE A 124 21.05 11.57 -25.11
C PHE A 124 21.01 12.88 -25.88
N VAL A 125 20.13 13.79 -25.47
CA VAL A 125 19.99 15.06 -26.18
C VAL A 125 21.33 15.78 -26.25
N LYS A 126 22.04 15.82 -25.12
CA LYS A 126 23.32 16.52 -25.08
C LYS A 126 24.37 15.79 -25.90
N ASP A 127 24.49 14.47 -25.71
CA ASP A 127 25.45 13.68 -26.48
C ASP A 127 25.17 13.81 -27.97
N TYR A 128 23.89 13.62 -28.37
CA TYR A 128 23.56 13.54 -29.79
C TYR A 128 23.29 14.90 -30.43
N ASN A 129 23.51 15.99 -29.71
CA ASN A 129 23.24 17.34 -30.19
C ASN A 129 21.83 17.46 -30.77
N ALA A 130 20.87 16.92 -30.01
CA ALA A 130 19.47 17.15 -30.31
C ALA A 130 19.19 18.64 -30.42
N GLY A 131 18.34 19.00 -31.36
CA GLY A 131 18.03 20.41 -31.54
C GLY A 131 16.75 20.80 -30.84
N THR A 132 15.81 19.85 -30.79
CA THR A 132 14.47 20.01 -30.23
C THR A 132 14.05 18.65 -29.69
N LEU A 133 13.37 18.66 -28.53
CA LEU A 133 12.89 17.45 -27.85
C LEU A 133 11.38 17.48 -27.67
N VAL A 134 10.71 16.40 -28.11
CA VAL A 134 9.27 16.25 -28.02
C VAL A 134 8.97 14.97 -27.24
N THR A 135 7.96 15.02 -26.38
CA THR A 135 7.45 13.84 -25.69
C THR A 135 5.94 13.79 -25.83
N ASP A 136 5.38 12.57 -25.70
CA ASP A 136 3.92 12.46 -25.68
C ASP A 136 3.39 12.75 -24.28
N PHE A 137 2.08 12.80 -24.17
CA PHE A 137 1.44 13.27 -22.94
C PHE A 137 1.04 12.11 -22.05
N SER A 138 1.42 12.18 -20.78
CA SER A 138 0.81 11.26 -19.84
C SER A 138 0.63 11.92 -18.48
N PRO A 139 -0.50 11.68 -17.82
CA PRO A 139 -0.82 12.38 -16.58
C PRO A 139 -0.38 11.64 -15.33
N LEU A 140 0.33 10.54 -15.46
CA LEU A 140 0.76 9.81 -14.29
C LEU A 140 1.96 10.50 -13.66
N ARG A 141 1.93 10.56 -12.32
CA ARG A 141 2.95 11.19 -11.49
C ARG A 141 4.39 11.01 -11.98
N ILE A 142 4.78 9.80 -12.37
CA ILE A 142 6.21 9.57 -12.56
C ILE A 142 6.67 10.26 -13.82
N LYS A 143 5.78 10.40 -14.80
CA LYS A 143 6.11 11.15 -15.99
C LYS A 143 6.47 12.56 -15.61
N ASN A 144 5.72 13.15 -14.69
CA ASN A 144 6.03 14.50 -14.29
C ASN A 144 7.41 14.57 -13.65
N GLN A 145 7.74 13.58 -12.82
CA GLN A 145 9.04 13.64 -12.16
C GLN A 145 10.17 13.70 -13.19
N TRP A 146 10.08 12.85 -14.24
CA TRP A 146 11.10 12.80 -15.29
C TRP A 146 11.14 14.08 -16.10
N ILE A 147 10.00 14.52 -16.62
CA ILE A 147 9.97 15.70 -17.49
C ILE A 147 10.60 16.87 -16.78
N GLU A 148 10.37 16.98 -15.48
CA GLU A 148 10.92 18.05 -14.69
C GLU A 148 12.42 17.88 -14.49
N LYS A 149 12.91 16.65 -14.54
CA LYS A 149 14.34 16.41 -14.42
C LYS A 149 15.03 16.68 -15.76
N VAL A 150 14.41 16.21 -16.84
CA VAL A 150 14.89 16.54 -18.18
C VAL A 150 14.95 18.06 -18.38
N ILE A 151 13.91 18.78 -17.91
CA ILE A 151 13.85 20.24 -18.08
C ILE A 151 15.06 20.91 -17.46
N SER A 152 15.46 20.49 -16.27
CA SER A 152 16.54 21.17 -15.58
C SER A 152 17.92 20.80 -16.11
N GLY A 153 18.00 19.91 -17.10
CA GLY A 153 19.28 19.39 -17.54
C GLY A 153 19.56 19.59 -19.01
N ILE A 154 18.59 20.13 -19.74
CA ILE A 154 18.78 20.41 -21.15
C ILE A 154 18.67 21.91 -21.35
N SER A 155 19.06 22.34 -22.55
CA SER A 155 19.04 23.73 -22.96
C SER A 155 18.24 23.94 -24.21
N ILE A 156 18.02 22.88 -24.98
CA ILE A 156 17.24 22.96 -26.21
C ILE A 156 15.78 23.10 -25.82
N PRO A 157 14.90 23.54 -26.72
CA PRO A 157 13.47 23.57 -26.39
C PRO A 157 12.90 22.17 -26.12
N PHE A 158 11.68 22.15 -25.60
CA PHE A 158 11.10 20.91 -25.08
C PHE A 158 9.58 21.04 -25.23
N PHE A 159 8.98 20.25 -26.10
CA PHE A 159 7.54 20.30 -26.29
C PHE A 159 6.90 19.01 -25.81
N GLU A 160 5.61 19.11 -25.48
CA GLU A 160 4.80 17.96 -25.12
C GLU A 160 3.60 17.92 -26.06
N VAL A 161 3.22 16.73 -26.51
CA VAL A 161 2.05 16.58 -27.38
C VAL A 161 1.10 15.56 -26.77
N ASP A 162 -0.21 15.90 -26.76
CA ASP A 162 -1.25 14.92 -26.43
C ASP A 162 -1.58 14.14 -27.69
N ALA A 163 -1.11 12.90 -27.76
CA ALA A 163 -1.42 12.05 -28.91
C ALA A 163 -2.22 10.82 -28.52
N HIS A 164 -2.70 10.76 -27.27
CA HIS A 164 -3.46 9.64 -26.70
C HIS A 164 -4.95 9.93 -26.54
N ASN A 165 -5.36 11.21 -26.49
CA ASN A 165 -6.74 11.69 -26.35
C ASN A 165 -7.22 12.33 -27.65
N VAL A 166 -8.55 12.39 -27.83
CA VAL A 166 -9.09 13.11 -28.98
C VAL A 166 -9.09 14.60 -28.73
N VAL A 167 -9.55 15.03 -27.56
CA VAL A 167 -9.49 16.41 -27.13
C VAL A 167 -8.32 16.51 -26.15
N PRO A 168 -7.32 17.37 -26.41
CA PRO A 168 -6.15 17.42 -25.53
C PRO A 168 -6.58 17.60 -24.09
N CYS A 169 -5.96 16.82 -23.20
CA CYS A 169 -6.53 16.65 -21.86
C CYS A 169 -6.79 17.97 -21.18
N TRP A 170 -5.90 18.95 -21.41
CA TRP A 170 -6.00 20.26 -20.77
C TRP A 170 -6.90 21.22 -21.54
N GLU A 171 -7.43 20.81 -22.70
CA GLU A 171 -8.44 21.61 -23.39
C GLU A 171 -9.85 21.17 -23.09
N ALA A 172 -10.09 19.86 -22.93
CA ALA A 172 -11.42 19.38 -22.57
C ALA A 172 -11.91 20.03 -21.27
N SER A 173 -11.08 20.06 -20.24
CA SER A 173 -11.43 20.74 -19.01
C SER A 173 -10.17 21.21 -18.30
N GLN A 174 -10.32 22.28 -17.51
CA GLN A 174 -9.23 22.82 -16.70
C GLN A 174 -9.35 22.47 -15.23
N LYS A 175 -10.46 21.86 -14.82
CA LYS A 175 -10.63 21.42 -13.45
C LYS A 175 -11.01 19.94 -13.43
N HIS A 176 -10.92 19.34 -12.25
CA HIS A 176 -11.45 18.00 -12.03
C HIS A 176 -12.95 18.02 -12.23
N GLU A 177 -13.43 17.10 -13.06
CA GLU A 177 -14.83 17.04 -13.40
C GLU A 177 -15.53 16.14 -12.41
N TYR A 178 -16.61 16.65 -11.82
CA TYR A 178 -17.29 15.89 -10.78
C TYR A 178 -17.85 14.57 -11.32
N ALA A 179 -18.43 14.58 -12.52
CA ALA A 179 -18.99 13.37 -13.08
C ALA A 179 -18.91 13.39 -14.61
N ALA A 180 -19.26 12.26 -15.21
CA ALA A 180 -19.24 12.14 -16.67
C ALA A 180 -20.21 13.09 -17.34
N HIS A 181 -21.31 13.42 -16.68
CA HIS A 181 -22.35 14.22 -17.30
C HIS A 181 -22.13 15.71 -17.11
N THR A 182 -21.04 16.09 -16.48
CA THR A 182 -20.59 17.46 -16.50
C THR A 182 -19.48 17.65 -17.51
N PHE A 183 -18.74 16.59 -17.78
CA PHE A 183 -17.69 16.52 -18.76
C PHE A 183 -18.21 16.19 -20.16
N ARG A 184 -19.34 15.50 -20.25
CA ARG A 184 -19.89 15.13 -21.55
C ARG A 184 -20.22 16.32 -22.43
N PRO A 185 -20.87 17.38 -21.93
CA PRO A 185 -21.02 18.58 -22.79
C PRO A 185 -19.68 19.18 -23.17
N LYS A 186 -18.77 19.29 -22.21
CA LYS A 186 -17.48 19.91 -22.49
C LYS A 186 -16.73 19.17 -23.58
N LEU A 187 -16.77 17.83 -23.58
CA LEU A 187 -16.00 17.12 -24.60
C LEU A 187 -16.63 17.26 -25.98
N TYR A 188 -17.96 17.13 -26.08
CA TYR A 188 -18.61 17.22 -27.39
C TYR A 188 -18.61 18.63 -27.91
N ALA A 189 -18.61 19.62 -27.02
CA ALA A 189 -18.39 21.01 -27.40
C ALA A 189 -17.21 21.12 -28.36
N LEU A 190 -16.13 20.37 -28.09
CA LEU A 190 -14.87 20.54 -28.81
C LEU A 190 -14.57 19.42 -29.80
N LEU A 191 -15.52 18.51 -30.02
CA LEU A 191 -15.22 17.35 -30.86
C LEU A 191 -15.13 17.70 -32.35
N PRO A 192 -16.05 18.47 -32.96
CA PRO A 192 -15.90 18.77 -34.39
C PRO A 192 -14.53 19.34 -34.73
N GLU A 193 -13.94 20.12 -33.83
CA GLU A 193 -12.61 20.67 -34.10
C GLU A 193 -11.55 19.59 -34.04
N PHE A 194 -11.61 18.71 -33.06
CA PHE A 194 -10.50 17.80 -32.84
C PHE A 194 -10.73 16.40 -33.39
N LEU A 195 -11.89 16.11 -33.95
CA LEU A 195 -12.15 14.80 -34.57
C LEU A 195 -11.80 14.91 -36.04
N GLU A 196 -10.66 14.35 -36.43
CA GLU A 196 -10.18 14.60 -37.77
C GLU A 196 -9.23 13.50 -38.21
N GLU A 197 -9.15 13.33 -39.52
CA GLU A 197 -8.24 12.35 -40.07
C GLU A 197 -6.80 12.74 -39.76
N PHE A 198 -5.92 11.74 -39.81
CA PHE A 198 -4.48 11.79 -39.59
C PHE A 198 -3.77 11.90 -40.92
N PRO A 199 -2.87 12.91 -41.10
CA PRO A 199 -2.01 12.92 -42.30
C PRO A 199 -1.03 11.75 -42.30
N GLU A 200 -0.07 11.75 -43.21
CA GLU A 200 0.73 10.56 -43.40
C GLU A 200 2.15 10.81 -42.92
N LEU A 201 2.65 9.93 -42.08
CA LEU A 201 4.01 10.01 -41.55
C LEU A 201 5.04 9.99 -42.68
N GLU A 202 5.66 11.14 -42.94
CA GLU A 202 6.52 11.31 -44.10
C GLU A 202 7.93 10.82 -43.81
N PRO A 203 8.48 9.89 -44.59
CA PRO A 203 9.81 9.35 -44.30
C PRO A 203 10.89 10.43 -44.27
N ASN A 204 11.99 10.16 -43.57
CA ASN A 204 13.06 11.14 -43.48
C ASN A 204 13.69 11.38 -44.85
N SER A 205 14.02 12.63 -45.14
CA SER A 205 14.89 12.86 -46.29
C SER A 205 16.34 12.63 -45.87
N VAL A 206 16.78 13.33 -44.83
CA VAL A 206 18.09 13.09 -44.25
C VAL A 206 18.09 11.76 -43.52
N THR A 207 19.18 11.01 -43.66
CA THR A 207 19.34 9.70 -43.02
C THR A 207 18.89 9.66 -41.55
N THR A 219 20.37 -3.74 -27.62
CA THR A 219 19.55 -4.47 -28.60
C THR A 219 18.25 -5.08 -28.03
N LEU A 220 17.14 -4.93 -28.78
CA LEU A 220 15.84 -5.36 -28.27
C LEU A 220 15.74 -6.86 -28.05
N SER A 221 16.64 -7.64 -28.63
CA SER A 221 16.60 -9.07 -28.37
C SER A 221 17.12 -9.40 -26.97
N ASP A 222 18.36 -8.98 -26.65
CA ASP A 222 18.89 -9.20 -25.30
C ASP A 222 17.97 -8.60 -24.23
N VAL A 223 17.51 -7.36 -24.44
CA VAL A 223 16.72 -6.62 -23.47
C VAL A 223 15.54 -7.43 -22.95
N LEU A 224 14.95 -8.27 -23.81
CA LEU A 224 13.81 -9.13 -23.48
C LEU A 224 14.26 -10.46 -22.89
N GLU A 225 15.18 -11.14 -23.57
CA GLU A 225 15.84 -12.31 -22.99
C GLU A 225 16.38 -12.03 -21.58
N THR A 226 16.87 -10.82 -21.32
CA THR A 226 17.38 -10.49 -19.99
C THR A 226 16.25 -10.20 -19.02
N GLY A 227 15.40 -9.25 -19.38
CA GLY A 227 14.22 -8.98 -18.58
C GLY A 227 13.46 -10.22 -18.19
N VAL A 228 13.32 -11.17 -19.11
CA VAL A 228 12.52 -12.35 -18.83
C VAL A 228 13.18 -13.21 -17.75
N LYS A 229 14.49 -13.51 -17.92
CA LYS A 229 15.19 -14.30 -16.92
C LYS A 229 15.04 -13.70 -15.54
N ALA A 230 15.02 -12.37 -15.47
CA ALA A 230 14.82 -11.68 -14.20
C ALA A 230 13.43 -11.94 -13.62
N LEU A 231 12.39 -11.87 -14.46
CA LEU A 231 11.00 -12.01 -14.04
C LEU A 231 10.55 -13.47 -13.91
N LEU A 232 11.40 -14.43 -14.27
CA LEU A 232 11.01 -15.84 -14.39
C LEU A 232 10.66 -16.47 -13.05
N PRO A 233 11.34 -16.14 -11.95
CA PRO A 233 10.89 -16.67 -10.64
C PRO A 233 9.64 -16.00 -10.11
N GLU A 234 9.02 -15.06 -10.82
CA GLU A 234 7.79 -14.39 -10.39
C GLU A 234 6.57 -14.83 -11.19
N ARG A 235 6.73 -15.71 -12.17
CA ARG A 235 5.58 -16.18 -12.92
C ARG A 235 4.60 -16.82 -11.95
N ALA A 236 3.31 -16.74 -12.28
CA ALA A 236 2.27 -17.50 -11.58
C ALA A 236 2.15 -18.87 -12.23
N LEU A 237 2.57 -19.91 -11.51
CA LEU A 237 2.45 -21.28 -11.97
C LEU A 237 1.25 -21.97 -11.35
N LEU A 238 0.84 -23.06 -11.98
CA LEU A 238 -0.11 -24.01 -11.40
C LEU A 238 0.62 -24.91 -10.41
N LYS A 239 -0.10 -25.89 -9.84
CA LYS A 239 0.57 -26.92 -9.04
C LYS A 239 1.65 -27.61 -9.87
N ASN A 240 1.26 -28.09 -11.04
CA ASN A 240 2.20 -28.45 -12.09
C ASN A 240 3.08 -27.23 -12.42
N LYS A 241 4.20 -27.46 -13.10
CA LYS A 241 5.14 -26.37 -13.29
C LYS A 241 4.71 -25.33 -14.34
N ASP A 242 3.69 -25.59 -15.16
CA ASP A 242 3.38 -24.69 -16.28
C ASP A 242 2.77 -23.36 -15.81
N PRO A 243 2.96 -22.29 -16.57
CA PRO A 243 2.52 -20.96 -16.12
C PRO A 243 1.01 -20.79 -16.15
N LEU A 244 0.52 -19.87 -15.33
CA LEU A 244 -0.90 -19.57 -15.39
C LEU A 244 -1.27 -18.82 -16.66
N PHE A 245 -0.43 -17.86 -17.05
CA PHE A 245 -0.78 -16.96 -18.13
C PHE A 245 -0.93 -17.73 -19.44
N GLU A 246 -1.97 -17.37 -20.19
CA GLU A 246 -2.23 -17.92 -21.51
C GLU A 246 -1.95 -16.85 -22.55
N PRO A 247 -0.83 -16.95 -23.26
CA PRO A 247 -0.33 -15.82 -24.05
C PRO A 247 -0.99 -15.62 -25.41
N TRP A 248 -2.00 -16.42 -25.77
CA TRP A 248 -2.61 -16.42 -27.11
C TRP A 248 -3.93 -15.67 -27.22
N HIS A 249 -4.33 -14.90 -26.21
CA HIS A 249 -5.63 -14.23 -26.23
C HIS A 249 -5.58 -12.88 -26.88
N PHE A 250 -4.40 -12.27 -26.96
CA PHE A 250 -4.18 -10.99 -27.61
C PHE A 250 -2.77 -11.01 -28.16
N GLU A 251 -2.62 -10.85 -29.49
CA GLU A 251 -1.27 -10.67 -30.02
C GLU A 251 -0.86 -9.22 -29.88
N PRO A 252 0.36 -8.95 -29.49
CA PRO A 252 0.79 -7.56 -29.37
C PRO A 252 1.21 -7.00 -30.73
N GLY A 253 1.09 -5.68 -30.88
CA GLY A 253 1.56 -4.99 -32.06
C GLY A 253 0.56 -3.98 -32.60
N GLU A 254 1.04 -3.23 -33.61
CA GLU A 254 0.15 -2.37 -34.39
C GLU A 254 -0.68 -3.19 -35.38
N LYS A 255 -0.02 -4.10 -36.10
CA LYS A 255 -0.74 -4.97 -37.03
C LYS A 255 -1.84 -5.73 -36.30
N ALA A 256 -1.51 -6.50 -35.26
CA ALA A 256 -2.55 -7.14 -34.46
C ALA A 256 -3.67 -6.17 -34.10
N ALA A 257 -3.33 -5.00 -33.54
CA ALA A 257 -4.34 -4.10 -33.00
C ALA A 257 -5.28 -3.55 -34.07
N LYS A 258 -4.82 -3.46 -35.31
CA LYS A 258 -5.74 -3.03 -36.36
C LYS A 258 -6.75 -4.12 -36.68
N LYS A 259 -6.36 -5.39 -36.57
CA LYS A 259 -7.29 -6.48 -36.79
C LYS A 259 -8.25 -6.68 -35.63
N VAL A 260 -7.82 -6.44 -34.39
CA VAL A 260 -8.76 -6.47 -33.27
C VAL A 260 -9.83 -5.42 -33.46
N MET A 261 -9.43 -4.26 -33.98
CA MET A 261 -10.36 -3.15 -34.17
C MET A 261 -11.32 -3.41 -35.33
N GLU A 262 -10.79 -3.85 -36.49
CA GLU A 262 -11.65 -4.19 -37.63
C GLU A 262 -12.57 -5.35 -37.31
N SER A 263 -12.08 -6.32 -36.53
CA SER A 263 -12.89 -7.43 -36.05
C SER A 263 -14.06 -6.97 -35.18
N PHE A 264 -13.78 -6.08 -34.23
CA PHE A 264 -14.84 -5.55 -33.39
C PHE A 264 -15.88 -4.83 -34.23
N ILE A 265 -15.42 -3.99 -35.16
CA ILE A 265 -16.36 -3.21 -35.97
C ILE A 265 -17.20 -4.14 -36.81
N ALA A 266 -16.61 -5.24 -37.25
CA ALA A 266 -17.32 -6.10 -38.19
C ALA A 266 -18.27 -7.05 -37.48
N ASP A 267 -17.92 -7.56 -36.29
CA ASP A 267 -18.62 -8.68 -35.66
C ASP A 267 -19.41 -8.29 -34.41
N ARG A 268 -18.81 -7.48 -33.54
CA ARG A 268 -19.32 -7.24 -32.19
C ARG A 268 -19.93 -5.86 -32.00
N LEU A 269 -19.53 -4.85 -32.78
CA LEU A 269 -20.02 -3.49 -32.55
C LEU A 269 -21.55 -3.43 -32.55
N ASP A 270 -22.20 -4.10 -33.51
CA ASP A 270 -23.65 -4.31 -33.54
C ASP A 270 -24.23 -4.70 -32.18
N SER A 271 -23.72 -5.79 -31.59
CA SER A 271 -24.29 -6.37 -30.37
C SER A 271 -23.79 -5.69 -29.12
N TYR A 272 -23.07 -4.58 -29.26
CA TYR A 272 -22.28 -4.08 -28.15
C TYR A 272 -23.18 -3.53 -27.05
N GLY A 273 -24.12 -2.65 -27.40
CA GLY A 273 -24.98 -2.09 -26.38
C GLY A 273 -25.77 -3.15 -25.62
N ALA A 274 -26.20 -4.19 -26.31
CA ALA A 274 -27.05 -5.17 -25.69
C ALA A 274 -26.28 -6.17 -24.84
N LEU A 275 -24.99 -6.44 -25.15
CA LEU A 275 -24.29 -7.56 -24.52
C LEU A 275 -22.96 -7.15 -23.92
N ARG A 276 -22.65 -5.87 -23.90
CA ARG A 276 -21.46 -5.41 -23.23
C ARG A 276 -21.39 -5.90 -21.78
N ASN A 277 -22.52 -6.18 -21.12
CA ASN A 277 -22.52 -6.44 -19.68
C ASN A 277 -22.61 -7.93 -19.31
N ASP A 278 -22.53 -8.81 -20.28
CA ASP A 278 -22.75 -10.23 -20.06
C ASP A 278 -21.39 -10.93 -20.08
N PRO A 279 -20.87 -11.37 -18.94
CA PRO A 279 -19.52 -11.96 -18.92
C PRO A 279 -19.39 -13.25 -19.70
N THR A 280 -20.47 -13.89 -20.10
CA THR A 280 -20.38 -15.13 -20.86
C THR A 280 -20.27 -14.90 -22.37
N LYS A 281 -20.62 -13.70 -22.84
CA LYS A 281 -20.44 -13.29 -24.22
C LYS A 281 -19.15 -12.48 -24.33
N ASN A 282 -18.34 -12.77 -25.34
CA ASN A 282 -17.15 -11.95 -25.57
C ASN A 282 -17.47 -10.88 -26.61
N MET A 283 -18.23 -9.86 -26.17
CA MET A 283 -18.71 -8.81 -27.04
C MET A 283 -18.07 -7.46 -26.78
N LEU A 284 -16.88 -7.44 -26.16
CA LEU A 284 -16.19 -6.17 -26.00
C LEU A 284 -15.16 -5.99 -27.13
N SER A 285 -14.67 -4.76 -27.25
CA SER A 285 -13.66 -4.50 -28.27
C SER A 285 -12.38 -5.27 -28.02
N ASN A 286 -12.09 -5.64 -26.76
CA ASN A 286 -10.77 -6.16 -26.33
C ASN A 286 -9.65 -5.23 -26.78
N LEU A 287 -9.93 -3.94 -26.87
CA LEU A 287 -8.89 -3.01 -27.27
C LEU A 287 -8.08 -2.41 -26.11
N SER A 288 -8.54 -2.48 -24.86
CA SER A 288 -7.80 -1.84 -23.77
C SER A 288 -6.32 -2.20 -23.67
N PRO A 289 -5.85 -3.45 -23.81
CA PRO A 289 -4.40 -3.63 -23.79
C PRO A 289 -3.67 -2.87 -24.90
N TYR A 290 -4.30 -2.63 -26.05
CA TYR A 290 -3.55 -1.97 -27.12
C TYR A 290 -3.51 -0.48 -26.87
N LEU A 291 -4.64 0.10 -26.47
CA LEU A 291 -4.65 1.50 -26.14
C LEU A 291 -3.67 1.80 -25.00
N HIS A 292 -3.58 0.91 -24.01
CA HIS A 292 -2.77 1.23 -22.85
C HIS A 292 -1.35 1.57 -23.27
N PHE A 293 -0.71 0.61 -23.93
CA PHE A 293 0.57 0.80 -24.55
C PHE A 293 0.51 1.74 -25.74
N GLY A 294 -0.65 2.23 -26.10
CA GLY A 294 -0.71 3.15 -27.21
C GLY A 294 -0.39 2.51 -28.54
N GLN A 295 -0.43 1.18 -28.63
CA GLN A 295 -0.25 0.48 -29.89
C GLN A 295 -1.35 0.73 -30.89
N ILE A 296 -2.35 1.54 -30.54
CA ILE A 296 -3.39 1.94 -31.48
C ILE A 296 -4.06 3.16 -30.88
N SER A 297 -4.55 4.05 -31.74
CA SER A 297 -5.04 5.37 -31.37
C SER A 297 -6.54 5.32 -31.19
N SER A 298 -7.02 5.76 -30.03
CA SER A 298 -8.46 5.89 -29.87
C SER A 298 -9.05 6.77 -30.95
N GLN A 299 -8.28 7.74 -31.47
CA GLN A 299 -8.85 8.65 -32.47
C GLN A 299 -9.10 7.93 -33.81
N ARG A 300 -8.22 7.01 -34.20
CA ARG A 300 -8.55 6.20 -35.37
C ARG A 300 -9.82 5.40 -35.12
N VAL A 301 -9.89 4.75 -33.96
CA VAL A 301 -11.01 3.88 -33.64
C VAL A 301 -12.32 4.66 -33.71
N VAL A 302 -12.33 5.84 -33.07
CA VAL A 302 -13.48 6.75 -33.14
C VAL A 302 -13.84 7.02 -34.59
N LEU A 303 -12.84 7.37 -35.41
CA LEU A 303 -13.07 7.69 -36.81
C LEU A 303 -13.82 6.57 -37.52
N GLU A 304 -13.35 5.32 -37.32
CA GLU A 304 -13.89 4.15 -38.02
C GLU A 304 -15.25 3.74 -37.47
N VAL A 305 -15.44 3.81 -36.16
CA VAL A 305 -16.76 3.60 -35.59
C VAL A 305 -17.72 4.68 -36.06
N GLU A 306 -17.28 5.94 -36.05
CA GLU A 306 -18.14 7.02 -36.54
C GLU A 306 -18.70 6.69 -37.91
N LYS A 307 -17.81 6.37 -38.85
CA LYS A 307 -18.21 6.19 -40.23
C LYS A 307 -19.05 4.93 -40.43
N ALA A 308 -19.00 3.98 -39.50
CA ALA A 308 -19.56 2.66 -39.69
C ALA A 308 -21.05 2.61 -39.32
N GLU A 309 -21.86 1.98 -40.17
CA GLU A 309 -23.29 1.80 -39.89
C GLU A 309 -23.49 0.64 -38.93
N SER A 310 -24.28 0.86 -37.88
CA SER A 310 -24.79 -0.23 -37.07
C SER A 310 -25.91 0.34 -36.20
N ASN A 311 -26.34 -0.44 -35.23
CA ASN A 311 -27.28 0.07 -34.26
C ASN A 311 -26.77 1.42 -33.73
N PRO A 312 -27.51 2.50 -33.96
CA PRO A 312 -27.03 3.80 -33.49
C PRO A 312 -26.84 3.85 -32.00
N GLY A 313 -27.55 2.99 -31.26
CA GLY A 313 -27.37 2.90 -29.83
C GLY A 313 -26.10 2.15 -29.44
N SER A 314 -25.72 1.14 -30.23
CA SER A 314 -24.42 0.51 -30.02
C SER A 314 -23.27 1.48 -30.26
N LYS A 315 -23.36 2.31 -31.30
CA LYS A 315 -22.34 3.33 -31.53
C LYS A 315 -22.32 4.35 -30.41
N LYS A 316 -23.50 4.77 -29.92
CA LYS A 316 -23.52 5.74 -28.84
C LYS A 316 -22.94 5.13 -27.58
N ALA A 317 -23.37 3.92 -27.24
CA ALA A 317 -22.88 3.24 -26.06
C ALA A 317 -21.35 3.12 -26.08
N PHE A 318 -20.79 2.79 -27.25
CA PHE A 318 -19.35 2.55 -27.37
C PHE A 318 -18.57 3.86 -27.38
N LEU A 319 -19.10 4.88 -28.06
CA LEU A 319 -18.38 6.15 -28.11
C LEU A 319 -18.27 6.79 -26.73
N ASP A 320 -19.25 6.55 -25.85
CA ASP A 320 -19.16 7.09 -24.48
C ASP A 320 -18.05 6.44 -23.69
N GLU A 321 -17.76 5.17 -23.98
CA GLU A 321 -16.71 4.47 -23.26
C GLU A 321 -15.36 5.00 -23.67
N ILE A 322 -15.13 5.13 -24.97
CA ILE A 322 -13.79 5.49 -25.42
C ILE A 322 -13.57 7.00 -25.53
N LEU A 323 -14.63 7.80 -25.61
CA LEU A 323 -14.45 9.25 -25.48
C LEU A 323 -14.61 9.69 -24.01
N ILE A 324 -15.83 9.58 -23.47
CA ILE A 324 -16.13 10.22 -22.20
C ILE A 324 -15.40 9.52 -21.05
N TRP A 325 -15.32 8.18 -21.06
CA TRP A 325 -14.80 7.48 -19.88
C TRP A 325 -13.30 7.30 -19.95
N LYS A 326 -12.76 7.10 -21.14
CA LYS A 326 -11.31 7.05 -21.30
C LYS A 326 -10.65 8.41 -21.05
N GLU A 327 -11.36 9.54 -21.31
CA GLU A 327 -10.72 10.85 -21.25
C GLU A 327 -10.99 11.61 -19.95
N ILE A 328 -12.08 11.31 -19.24
CA ILE A 328 -12.25 11.85 -17.89
C ILE A 328 -11.37 11.08 -16.92
N SER A 329 -10.90 9.91 -17.34
CA SER A 329 -9.94 9.16 -16.52
C SER A 329 -8.55 9.80 -16.59
N ASP A 330 -8.15 10.26 -17.77
CA ASP A 330 -7.00 11.16 -17.85
C ASP A 330 -7.25 12.45 -17.09
N ASN A 331 -8.41 13.07 -17.29
CA ASN A 331 -8.73 14.28 -16.54
C ASN A 331 -8.49 14.07 -15.07
N PHE A 332 -8.82 12.86 -14.58
CA PHE A 332 -8.77 12.54 -13.17
C PHE A 332 -7.34 12.57 -12.63
N CYS A 333 -6.48 11.65 -13.10
CA CYS A 333 -5.10 11.65 -12.69
C CYS A 333 -4.39 12.97 -12.95
N TYR A 334 -4.85 13.76 -13.92
CA TYR A 334 -4.16 15.00 -14.23
C TYR A 334 -4.45 16.07 -13.20
N TYR A 335 -5.62 16.06 -12.57
CA TYR A 335 -5.93 17.09 -11.59
C TYR A 335 -5.87 16.58 -10.16
N ASN A 336 -5.49 15.32 -9.93
CA ASN A 336 -5.50 14.73 -8.59
C ASN A 336 -4.23 13.94 -8.39
N PRO A 337 -3.15 14.61 -7.99
CA PRO A 337 -1.87 13.91 -7.78
C PRO A 337 -2.01 12.74 -6.81
N GLY A 338 -2.99 12.79 -5.92
CA GLY A 338 -3.23 11.64 -5.07
C GLY A 338 -4.30 10.73 -5.61
N TYR A 339 -4.26 10.42 -6.91
CA TYR A 339 -5.35 9.67 -7.53
C TYR A 339 -5.39 8.23 -7.07
N ASP A 340 -4.28 7.67 -6.58
CA ASP A 340 -4.26 6.30 -6.10
C ASP A 340 -4.39 6.22 -4.58
N GLY A 341 -5.01 7.21 -3.96
CA GLY A 341 -5.17 7.20 -2.53
C GLY A 341 -6.55 7.67 -2.08
N PHE A 342 -6.85 7.34 -0.83
CA PHE A 342 -8.14 7.63 -0.23
C PHE A 342 -8.49 9.11 -0.30
N GLU A 343 -7.49 10.00 -0.23
N GLU A 343 -7.49 10.00 -0.24
CA GLU A 343 -7.74 11.44 -0.13
CA GLU A 343 -7.76 11.44 -0.13
C GLU A 343 -8.36 12.05 -1.39
C GLU A 343 -8.48 12.00 -1.37
N SER A 344 -8.42 11.33 -2.50
CA SER A 344 -9.06 11.84 -3.72
C SER A 344 -10.51 11.36 -3.87
N PHE A 345 -11.02 10.53 -2.97
CA PHE A 345 -12.44 10.24 -2.97
C PHE A 345 -13.22 11.52 -2.66
N PRO A 346 -14.46 11.64 -3.11
CA PRO A 346 -15.26 12.80 -2.72
C PRO A 346 -15.54 12.84 -1.21
N SER A 347 -15.95 14.01 -0.73
CA SER A 347 -16.10 14.18 0.72
C SER A 347 -17.18 13.27 1.28
N TRP A 348 -18.30 13.14 0.57
CA TRP A 348 -19.36 12.27 1.06
C TRP A 348 -18.85 10.85 1.21
N ALA A 349 -18.07 10.37 0.23
CA ALA A 349 -17.53 9.02 0.29
C ALA A 349 -16.57 8.86 1.45
N LYS A 350 -15.73 9.86 1.68
CA LYS A 350 -14.78 9.78 2.78
C LYS A 350 -15.49 9.66 4.12
N GLU A 351 -16.40 10.60 4.42
CA GLU A 351 -17.10 10.59 5.71
C GLU A 351 -17.70 9.23 6.02
N SER A 352 -18.30 8.61 4.99
CA SER A 352 -19.13 7.42 5.15
C SER A 352 -18.28 6.20 5.42
N LEU A 353 -17.34 5.91 4.51
CA LEU A 353 -16.33 4.90 4.80
C LEU A 353 -15.66 5.14 6.15
N ASN A 354 -15.47 6.41 6.56
CA ASN A 354 -14.89 6.66 7.87
C ASN A 354 -15.78 6.11 8.98
N ALA A 355 -17.07 6.47 8.98
CA ALA A 355 -17.98 6.03 10.05
C ALA A 355 -18.16 4.52 10.13
N HIS A 356 -17.78 3.77 9.08
CA HIS A 356 -17.91 2.32 9.02
C HIS A 356 -16.56 1.60 9.10
N ARG A 357 -15.54 2.25 9.66
CA ARG A 357 -14.27 1.58 9.87
C ARG A 357 -14.31 0.60 11.03
N ASN A 358 -15.26 0.74 11.95
CA ASN A 358 -15.39 -0.19 13.07
C ASN A 358 -16.45 -1.26 12.85
N ASP A 359 -17.34 -1.10 11.89
CA ASP A 359 -18.24 -2.18 11.51
C ASP A 359 -17.50 -3.51 11.33
N VAL A 360 -18.10 -4.60 11.82
CA VAL A 360 -17.49 -5.92 11.72
C VAL A 360 -17.70 -6.42 10.30
N ARG A 361 -16.69 -7.10 9.75
CA ARG A 361 -16.70 -7.55 8.37
C ARG A 361 -17.03 -9.03 8.28
N SER A 362 -17.91 -9.39 7.33
CA SER A 362 -18.37 -10.76 7.19
C SER A 362 -17.21 -11.72 7.04
N HIS A 363 -16.28 -11.36 6.16
CA HIS A 363 -14.99 -12.00 6.04
C HIS A 363 -13.93 -10.94 5.95
N ILE A 364 -12.72 -11.32 6.33
CA ILE A 364 -11.54 -10.55 5.98
C ILE A 364 -10.60 -11.51 5.28
N TYR A 365 -10.17 -11.16 4.07
CA TYR A 365 -9.13 -11.93 3.39
C TYR A 365 -7.85 -11.11 3.30
N THR A 366 -6.73 -11.81 3.24
CA THR A 366 -5.44 -11.19 3.04
C THR A 366 -5.14 -11.09 1.55
N LEU A 367 -4.20 -10.20 1.20
CA LEU A 367 -3.85 -9.99 -0.20
C LEU A 367 -3.71 -11.32 -0.91
N GLU A 368 -2.85 -12.17 -0.35
CA GLU A 368 -2.44 -13.42 -0.98
C GLU A 368 -3.59 -14.40 -1.14
N GLU A 369 -4.72 -14.14 -0.49
CA GLU A 369 -5.85 -15.07 -0.50
C GLU A 369 -6.83 -14.72 -1.58
N PHE A 370 -7.14 -13.43 -1.69
CA PHE A 370 -7.70 -12.94 -2.92
C PHE A 370 -6.84 -13.38 -4.09
N GLU A 371 -5.53 -13.14 -3.98
CA GLU A 371 -4.66 -13.35 -5.12
C GLU A 371 -4.90 -14.69 -5.75
N ALA A 372 -4.99 -15.73 -4.94
CA ALA A 372 -5.17 -17.09 -5.43
C ALA A 372 -6.63 -17.50 -5.42
N GLY A 373 -7.52 -16.53 -5.52
CA GLY A 373 -8.94 -16.76 -5.50
C GLY A 373 -9.39 -17.67 -4.38
N LYS A 374 -9.00 -17.35 -3.15
CA LYS A 374 -9.38 -18.24 -2.07
C LYS A 374 -10.47 -17.63 -1.19
N THR A 375 -11.51 -17.07 -1.80
CA THR A 375 -12.67 -16.65 -1.03
C THR A 375 -13.74 -17.71 -1.06
N HIS A 376 -14.80 -17.46 -0.32
CA HIS A 376 -15.98 -18.31 -0.38
C HIS A 376 -16.82 -18.02 -1.62
N ASP A 377 -16.62 -16.89 -2.27
CA ASP A 377 -17.48 -16.47 -3.35
C ASP A 377 -17.01 -17.05 -4.67
N PRO A 378 -17.69 -18.07 -5.19
CA PRO A 378 -17.18 -18.70 -6.42
C PRO A 378 -17.26 -17.79 -7.61
N LEU A 379 -18.11 -16.76 -7.55
CA LEU A 379 -18.15 -15.82 -8.67
C LEU A 379 -16.91 -14.96 -8.64
N TRP A 380 -16.60 -14.41 -7.46
CA TRP A 380 -15.38 -13.65 -7.30
C TRP A 380 -14.17 -14.47 -7.76
N ASN A 381 -13.98 -15.66 -7.20
CA ASN A 381 -12.84 -16.46 -7.59
C ASN A 381 -12.85 -16.72 -9.08
N ALA A 382 -14.02 -16.96 -9.68
CA ALA A 382 -14.04 -17.12 -11.12
C ALA A 382 -13.39 -15.91 -11.79
N SER A 383 -13.86 -14.72 -11.43
CA SER A 383 -13.37 -13.53 -12.09
C SER A 383 -11.89 -13.31 -11.78
N GLN A 384 -11.45 -13.59 -10.54
CA GLN A 384 -10.02 -13.55 -10.27
C GLN A 384 -9.27 -14.56 -11.14
N MET A 385 -9.86 -15.75 -11.35
CA MET A 385 -9.25 -16.70 -12.28
C MET A 385 -9.28 -16.19 -13.72
N GLU A 386 -10.31 -15.43 -14.10
CA GLU A 386 -10.26 -14.77 -15.40
C GLU A 386 -9.07 -13.82 -15.47
N LEU A 387 -8.81 -13.11 -14.38
CA LEU A 387 -7.71 -12.16 -14.38
C LEU A 387 -6.36 -12.86 -14.53
N LEU A 388 -6.13 -13.93 -13.78
CA LEU A 388 -4.80 -14.54 -13.74
C LEU A 388 -4.45 -15.30 -15.01
N SER A 389 -5.42 -15.81 -15.74
CA SER A 389 -5.06 -16.69 -16.85
C SER A 389 -4.98 -15.96 -18.19
N THR A 390 -5.86 -14.99 -18.40
CA THR A 390 -5.90 -14.25 -19.65
C THR A 390 -5.22 -12.88 -19.57
N GLY A 391 -5.21 -12.24 -18.40
CA GLY A 391 -4.70 -10.88 -18.31
C GLY A 391 -5.72 -9.81 -18.59
N LYS A 392 -6.96 -10.18 -18.91
CA LYS A 392 -7.97 -9.16 -19.09
C LYS A 392 -9.28 -9.70 -18.50
N MET A 393 -9.72 -9.09 -17.39
CA MET A 393 -10.97 -9.48 -16.72
C MET A 393 -12.14 -8.70 -17.32
N HIS A 394 -13.30 -9.36 -17.42
CA HIS A 394 -14.41 -8.76 -18.15
C HIS A 394 -14.91 -7.47 -17.52
N GLY A 395 -15.10 -6.45 -18.35
CA GLY A 395 -15.54 -5.14 -17.92
C GLY A 395 -16.52 -5.06 -16.77
N TYR A 396 -17.63 -5.78 -16.89
CA TYR A 396 -18.62 -5.83 -15.81
C TYR A 396 -18.06 -6.51 -14.56
N MET A 397 -17.45 -7.68 -14.71
CA MET A 397 -16.93 -8.41 -13.56
C MET A 397 -15.87 -7.63 -12.78
N ARG A 398 -15.26 -6.60 -13.39
CA ARG A 398 -14.21 -5.85 -12.69
C ARG A 398 -14.80 -4.96 -11.60
N MET A 399 -16.01 -4.43 -11.86
CA MET A 399 -16.76 -3.72 -10.83
C MET A 399 -17.05 -4.61 -9.62
N TYR A 400 -17.79 -5.69 -9.84
CA TYR A 400 -18.09 -6.69 -8.81
C TYR A 400 -16.85 -7.11 -8.02
N TRP A 401 -15.80 -7.52 -8.73
CA TRP A 401 -14.52 -7.91 -8.13
C TRP A 401 -14.02 -6.87 -7.11
N ALA A 402 -14.03 -5.57 -7.47
CA ALA A 402 -13.30 -4.61 -6.67
C ALA A 402 -14.12 -4.16 -5.48
N LYS A 403 -15.44 -4.35 -5.56
CA LYS A 403 -16.30 -4.02 -4.44
C LYS A 403 -16.26 -5.09 -3.37
N LYS A 404 -16.14 -6.35 -3.76
CA LYS A 404 -16.05 -7.36 -2.70
C LYS A 404 -14.71 -7.27 -1.99
N ILE A 405 -13.67 -6.74 -2.65
CA ILE A 405 -12.42 -6.46 -1.94
C ILE A 405 -12.66 -5.46 -0.79
N LEU A 406 -13.45 -4.42 -1.03
CA LEU A 406 -13.70 -3.43 0.00
C LEU A 406 -14.59 -3.98 1.11
N GLU A 407 -15.55 -4.81 0.72
CA GLU A 407 -16.49 -5.41 1.66
C GLU A 407 -15.83 -6.48 2.53
N TRP A 408 -14.77 -7.14 2.06
CA TRP A 408 -14.11 -8.26 2.76
C TRP A 408 -12.65 -7.97 3.10
N SER A 409 -12.30 -6.71 3.33
CA SER A 409 -10.97 -6.43 3.84
C SER A 409 -11.09 -5.59 5.11
N GLU A 410 -9.97 -5.39 5.78
CA GLU A 410 -10.06 -4.82 7.11
C GLU A 410 -10.31 -3.32 7.14
N SER A 411 -10.17 -2.63 6.00
CA SER A 411 -10.26 -1.18 5.99
C SER A 411 -10.23 -0.69 4.54
N PRO A 412 -10.76 0.52 4.26
CA PRO A 412 -10.66 1.07 2.89
C PRO A 412 -9.25 1.17 2.36
N GLU A 413 -8.32 1.70 3.14
CA GLU A 413 -6.95 1.83 2.69
C GLU A 413 -6.42 0.49 2.20
N LYS A 414 -6.65 -0.58 2.99
CA LYS A 414 -6.17 -1.90 2.58
C LYS A 414 -6.92 -2.42 1.35
N ALA A 415 -8.19 -2.03 1.15
CA ALA A 415 -8.89 -2.48 -0.04
C ALA A 415 -8.41 -1.75 -1.28
N LEU A 416 -8.23 -0.45 -1.15
CA LEU A 416 -7.59 0.30 -2.22
C LEU A 416 -6.22 -0.28 -2.54
N GLU A 417 -5.50 -0.73 -1.52
CA GLU A 417 -4.15 -1.27 -1.74
C GLU A 417 -4.20 -2.59 -2.53
N ILE A 418 -4.98 -3.55 -2.05
CA ILE A 418 -5.10 -4.84 -2.74
C ILE A 418 -5.69 -4.70 -4.15
N ALA A 419 -6.57 -3.72 -4.37
CA ALA A 419 -7.20 -3.61 -5.69
C ALA A 419 -6.25 -2.98 -6.72
N ILE A 420 -5.57 -1.89 -6.37
CA ILE A 420 -4.47 -1.42 -7.21
C ILE A 420 -3.50 -2.55 -7.46
N CYS A 421 -3.08 -3.23 -6.39
CA CYS A 421 -2.00 -4.21 -6.52
C CYS A 421 -2.32 -5.30 -7.54
N LEU A 422 -3.50 -5.91 -7.45
CA LEU A 422 -3.84 -6.98 -8.39
C LEU A 422 -4.12 -6.42 -9.78
N ASN A 423 -4.88 -5.32 -9.85
CA ASN A 423 -5.15 -4.66 -11.13
C ASN A 423 -3.88 -4.45 -11.93
N ASP A 424 -2.90 -3.76 -11.33
CA ASP A 424 -1.64 -3.45 -11.99
C ASP A 424 -0.71 -4.66 -12.13
N ARG A 425 -0.81 -5.64 -11.23
CA ARG A 425 0.12 -6.76 -11.31
C ARG A 425 -0.24 -7.69 -12.46
N TYR A 426 -1.55 -7.83 -12.78
CA TYR A 426 -2.03 -8.90 -13.62
C TYR A 426 -2.81 -8.49 -14.87
N GLU A 427 -3.43 -7.31 -14.89
CA GLU A 427 -4.14 -6.83 -16.06
C GLU A 427 -3.13 -6.34 -17.07
N LEU A 428 -3.22 -6.88 -18.29
CA LEU A 428 -2.47 -6.36 -19.42
C LEU A 428 -2.62 -4.86 -19.55
N ASP A 429 -3.81 -4.32 -19.26
CA ASP A 429 -4.03 -2.87 -19.37
C ASP A 429 -3.81 -2.13 -18.06
N GLY A 430 -2.95 -2.65 -17.18
CA GLY A 430 -2.78 -2.05 -15.87
C GLY A 430 -1.75 -0.96 -15.88
N ARG A 431 -1.52 -0.37 -14.70
CA ARG A 431 -0.60 0.75 -14.58
C ARG A 431 -1.00 1.85 -15.54
N ASP A 432 -2.23 2.33 -15.40
CA ASP A 432 -2.89 3.13 -16.42
C ASP A 432 -3.87 4.06 -15.73
N PRO A 433 -4.10 5.28 -16.24
CA PRO A 433 -5.14 6.11 -15.62
C PRO A 433 -6.48 5.38 -15.54
N ASN A 434 -6.89 4.69 -16.60
CA ASN A 434 -8.17 3.97 -16.56
C ASN A 434 -8.28 3.08 -15.35
N GLY A 435 -7.14 2.62 -14.85
CA GLY A 435 -7.07 1.77 -13.68
C GLY A 435 -7.35 2.53 -12.42
N TYR A 436 -6.57 3.61 -12.15
CA TYR A 436 -6.83 4.37 -10.93
C TYR A 436 -8.21 5.00 -10.96
N ALA A 437 -8.71 5.36 -12.13
CA ALA A 437 -10.04 5.96 -12.12
C ALA A 437 -11.12 4.88 -11.95
N GLY A 438 -10.86 3.67 -12.45
CA GLY A 438 -11.83 2.59 -12.32
C GLY A 438 -11.93 2.01 -10.91
N ILE A 439 -10.77 1.89 -10.23
CA ILE A 439 -10.76 1.46 -8.84
C ILE A 439 -11.41 2.50 -7.94
N ALA A 440 -11.12 3.79 -8.17
CA ALA A 440 -11.69 4.83 -7.31
C ALA A 440 -13.18 4.98 -7.51
N TRP A 441 -13.69 4.65 -8.70
CA TRP A 441 -15.13 4.52 -8.86
C TRP A 441 -15.68 3.42 -7.96
N SER A 442 -15.02 2.25 -7.97
CA SER A 442 -15.55 1.04 -7.34
C SER A 442 -15.56 1.15 -5.82
N ILE A 443 -14.44 1.61 -5.27
CA ILE A 443 -14.24 1.61 -3.83
C ILE A 443 -14.58 2.96 -3.21
N GLY A 444 -14.57 4.02 -4.01
CA GLY A 444 -14.68 5.38 -3.48
C GLY A 444 -15.76 6.25 -4.07
N GLY A 445 -16.39 5.84 -5.16
CA GLY A 445 -17.49 6.65 -5.64
C GLY A 445 -17.04 7.87 -6.39
N VAL A 446 -15.82 7.87 -6.91
CA VAL A 446 -15.33 8.96 -7.75
C VAL A 446 -16.01 8.83 -9.11
N HIS A 447 -16.59 9.92 -9.59
CA HIS A 447 -17.43 9.95 -10.81
C HIS A 447 -18.72 9.14 -10.63
N ASP A 448 -19.13 8.90 -9.38
CA ASP A 448 -20.36 8.18 -9.05
C ASP A 448 -21.12 9.01 -8.03
N ARG A 449 -22.22 8.49 -7.49
CA ARG A 449 -23.07 9.18 -6.52
C ARG A 449 -23.31 8.28 -5.32
N ALA A 450 -23.88 8.86 -4.26
CA ALA A 450 -24.14 8.11 -3.02
C ALA A 450 -25.40 7.26 -3.13
N TRP A 451 -25.37 6.09 -2.49
CA TRP A 451 -26.47 5.13 -2.53
C TRP A 451 -26.88 4.72 -1.10
N GLY A 452 -27.93 3.90 -0.99
CA GLY A 452 -28.49 3.45 0.27
C GLY A 452 -27.42 3.01 1.27
N GLU A 453 -27.37 3.64 2.43
CA GLU A 453 -26.28 3.38 3.36
C GLU A 453 -26.33 1.97 3.91
N ARG A 454 -25.19 1.25 3.88
CA ARG A 454 -25.10 -0.12 4.39
C ARG A 454 -23.94 -0.21 5.38
N GLU A 455 -23.82 -1.38 6.01
CA GLU A 455 -22.66 -1.66 6.86
C GLU A 455 -21.39 -1.72 6.01
N VAL A 456 -20.25 -1.43 6.65
CA VAL A 456 -18.95 -1.59 6.03
C VAL A 456 -18.80 -0.68 4.80
N THR A 457 -19.73 -0.77 3.85
CA THR A 457 -19.55 -0.03 2.61
C THR A 457 -20.17 1.34 2.66
N GLY A 458 -20.84 1.69 3.74
CA GLY A 458 -21.46 3.00 3.79
C GLY A 458 -22.32 3.27 2.58
N LYS A 459 -22.22 4.49 2.05
CA LYS A 459 -23.13 4.96 1.02
C LYS A 459 -22.68 4.63 -0.38
N ILE A 460 -21.68 3.74 -0.52
CA ILE A 460 -21.03 3.41 -1.79
C ILE A 460 -21.80 2.33 -2.53
N ARG A 461 -22.02 2.53 -3.83
CA ARG A 461 -22.83 1.63 -4.65
C ARG A 461 -22.53 0.17 -4.34
N TYR A 462 -23.60 -0.58 -4.03
CA TYR A 462 -23.51 -2.01 -3.72
C TYR A 462 -23.76 -2.83 -4.98
N MET A 463 -23.16 -4.02 -5.02
CA MET A 463 -23.40 -4.98 -6.09
C MET A 463 -23.48 -6.36 -5.47
N SER A 464 -24.54 -7.08 -5.77
CA SER A 464 -24.87 -8.33 -5.09
C SER A 464 -24.69 -9.49 -6.05
N TYR A 465 -24.47 -10.66 -5.47
CA TYR A 465 -24.49 -11.89 -6.27
C TYR A 465 -25.80 -12.04 -7.02
N GLU A 466 -26.92 -11.96 -6.30
CA GLU A 466 -28.21 -12.28 -6.88
C GLU A 466 -28.63 -11.27 -7.94
N GLY A 467 -28.01 -10.10 -7.95
CA GLY A 467 -28.20 -9.11 -8.99
C GLY A 467 -27.47 -9.48 -10.27
N CYS A 468 -26.27 -10.06 -10.16
CA CYS A 468 -25.65 -10.70 -11.31
C CYS A 468 -26.55 -11.80 -11.92
N LYS A 469 -27.26 -12.57 -11.07
CA LYS A 469 -28.04 -13.73 -11.54
C LYS A 469 -29.24 -13.33 -12.38
N ARG A 470 -29.77 -12.12 -12.21
CA ARG A 470 -30.79 -11.65 -13.12
C ARG A 470 -30.21 -11.24 -14.46
N LYS A 471 -28.88 -11.14 -14.56
CA LYS A 471 -28.26 -10.45 -15.68
C LYS A 471 -27.49 -11.36 -16.62
N PHE A 472 -27.00 -12.50 -16.15
CA PHE A 472 -26.20 -13.38 -16.98
C PHE A 472 -26.05 -14.73 -16.27
N ASP A 473 -25.90 -15.81 -17.05
CA ASP A 473 -25.80 -17.14 -16.46
C ASP A 473 -24.51 -17.27 -15.63
N VAL A 474 -24.53 -16.74 -14.40
CA VAL A 474 -23.35 -16.76 -13.53
C VAL A 474 -22.74 -18.15 -13.46
N LYS A 475 -23.59 -19.18 -13.43
CA LYS A 475 -23.11 -20.57 -13.44
C LYS A 475 -22.21 -20.85 -14.64
N LEU A 476 -22.52 -20.30 -15.81
CA LEU A 476 -21.68 -20.59 -16.96
C LEU A 476 -20.32 -19.96 -16.80
N TYR A 477 -20.27 -18.78 -16.19
CA TYR A 477 -19.00 -18.09 -15.99
C TYR A 477 -18.16 -18.75 -14.93
N ILE A 478 -18.77 -19.42 -13.95
CA ILE A 478 -17.94 -20.12 -12.97
C ILE A 478 -17.42 -21.43 -13.55
N GLU A 479 -18.26 -22.13 -14.32
CA GLU A 479 -17.82 -23.33 -15.02
C GLU A 479 -16.58 -23.06 -15.87
N LYS A 480 -16.56 -21.92 -16.57
CA LYS A 480 -15.45 -21.57 -17.43
C LYS A 480 -14.10 -21.70 -16.74
N TYR A 481 -13.97 -21.13 -15.53
CA TYR A 481 -12.72 -21.03 -14.77
C TYR A 481 -12.80 -21.83 -13.49
N SER A 482 -12.34 -23.08 -13.52
CA SER A 482 -12.37 -23.96 -12.35
C SER A 482 -11.00 -24.56 -12.10
N ALA A 483 -9.95 -23.76 -12.30
CA ALA A 483 -8.55 -24.15 -12.16
C ALA A 483 -7.98 -23.74 -10.81
N LEU A 484 -8.81 -23.70 -9.77
CA LEU A 484 -8.41 -23.07 -8.53
C LEU A 484 -7.33 -23.84 -7.78
N ASP A 485 -7.05 -25.08 -8.17
CA ASP A 485 -5.90 -25.84 -7.71
C ASP A 485 -4.66 -24.94 -7.49
N MET B 23 -7.72 -6.51 43.60
CA MET B 23 -7.29 -6.22 42.24
C MET B 23 -8.16 -5.13 41.61
N ASN B 24 -7.50 -4.12 41.05
CA ASN B 24 -8.21 -2.92 40.64
C ASN B 24 -9.22 -3.25 39.55
N PRO B 25 -10.49 -2.93 39.75
CA PRO B 25 -11.53 -3.37 38.81
C PRO B 25 -11.66 -2.50 37.56
N LYS B 26 -10.91 -1.43 37.45
CA LYS B 26 -11.02 -0.70 36.19
C LYS B 26 -10.19 -1.34 35.10
N ARG B 27 -9.23 -2.19 35.47
CA ARG B 27 -8.43 -2.90 34.48
C ARG B 27 -9.26 -3.90 33.67
N ILE B 28 -10.43 -4.31 34.16
CA ILE B 28 -11.31 -5.21 33.44
C ILE B 28 -12.36 -4.41 32.70
N ARG B 29 -12.70 -4.87 31.50
CA ARG B 29 -13.87 -4.44 30.77
C ARG B 29 -14.63 -5.70 30.36
N ALA B 30 -15.96 -5.59 30.32
CA ALA B 30 -16.83 -6.74 30.21
C ALA B 30 -17.40 -6.83 28.80
N LEU B 31 -16.95 -7.82 28.03
CA LEU B 31 -17.23 -7.80 26.59
C LEU B 31 -18.59 -8.41 26.25
N LYS B 32 -18.89 -9.60 26.79
CA LYS B 32 -20.23 -10.21 26.64
C LYS B 32 -20.63 -10.90 27.94
N SER B 33 -21.41 -10.21 28.78
CA SER B 33 -21.75 -10.81 30.08
C SER B 33 -22.78 -11.94 29.91
N GLY B 34 -22.82 -12.82 30.92
CA GLY B 34 -23.73 -13.95 30.87
C GLY B 34 -23.58 -14.95 31.99
N LYS B 35 -23.69 -16.24 31.64
CA LYS B 35 -23.82 -17.32 32.61
C LYS B 35 -22.62 -18.25 32.51
N GLN B 36 -21.90 -18.45 33.61
CA GLN B 36 -20.72 -19.32 33.60
C GLN B 36 -21.08 -20.76 33.30
N GLY B 37 -20.27 -21.40 32.45
CA GLY B 37 -20.21 -22.84 32.48
C GLY B 37 -19.65 -23.35 33.80
N ASP B 38 -19.84 -24.65 34.04
CA ASP B 38 -19.28 -25.29 35.22
C ASP B 38 -17.90 -25.89 34.96
N GLY B 39 -17.16 -25.35 34.00
CA GLY B 39 -15.83 -25.80 33.70
C GLY B 39 -14.81 -24.72 33.96
N PRO B 40 -13.57 -24.96 33.56
CA PRO B 40 -12.49 -24.05 33.94
C PRO B 40 -12.69 -22.67 33.33
N VAL B 41 -11.96 -21.72 33.88
CA VAL B 41 -11.86 -20.37 33.34
C VAL B 41 -10.66 -20.32 32.40
N VAL B 42 -10.87 -19.78 31.20
CA VAL B 42 -9.92 -19.88 30.10
C VAL B 42 -9.32 -18.52 29.81
N TYR B 43 -7.98 -18.43 29.92
CA TYR B 43 -7.21 -17.27 29.48
C TYR B 43 -6.85 -17.46 28.01
N TRP B 44 -7.63 -16.83 27.13
CA TRP B 44 -7.22 -16.60 25.75
C TRP B 44 -6.05 -15.62 25.78
N MET B 45 -4.84 -16.16 25.79
CA MET B 45 -3.65 -15.32 25.75
C MET B 45 -3.39 -14.78 24.35
N SER B 46 -2.90 -13.54 24.28
CA SER B 46 -2.68 -12.89 23.00
C SER B 46 -1.42 -12.03 23.00
N ARG B 47 -1.50 -10.86 23.65
CA ARG B 47 -0.46 -9.85 23.74
C ARG B 47 0.59 -10.16 24.83
N ASP B 48 0.13 -10.48 26.02
CA ASP B 48 0.95 -10.52 27.22
C ASP B 48 1.43 -11.94 27.50
N GLN B 49 2.49 -12.34 26.79
CA GLN B 49 3.08 -13.68 26.89
C GLN B 49 4.07 -13.77 28.04
N ARG B 50 3.54 -13.83 29.26
CA ARG B 50 4.41 -13.99 30.41
C ARG B 50 3.62 -14.63 31.54
N ALA B 51 4.32 -15.44 32.36
CA ALA B 51 3.68 -16.10 33.48
C ALA B 51 3.50 -15.19 34.68
N GLU B 52 4.43 -14.26 34.92
CA GLU B 52 4.42 -13.40 36.09
C GLU B 52 4.00 -11.99 35.69
N ASP B 53 3.43 -11.25 36.65
CA ASP B 53 3.17 -9.81 36.49
C ASP B 53 2.16 -9.52 35.39
N ASN B 54 1.09 -10.32 35.36
CA ASN B 54 0.17 -10.39 34.23
C ASN B 54 -1.25 -10.26 34.76
N TRP B 55 -1.82 -9.04 34.74
CA TRP B 55 -3.16 -8.86 35.34
C TRP B 55 -4.18 -9.80 34.71
N ALA B 56 -4.10 -10.06 33.40
CA ALA B 56 -5.07 -10.94 32.75
C ALA B 56 -5.01 -12.36 33.32
N LEU B 57 -3.80 -12.91 33.46
CA LEU B 57 -3.68 -14.25 34.03
C LEU B 57 -4.09 -14.26 35.49
N LEU B 58 -3.76 -13.19 36.23
CA LEU B 58 -4.09 -13.09 37.64
C LEU B 58 -5.60 -13.11 37.87
N PHE B 59 -6.37 -12.40 37.03
CA PHE B 59 -7.82 -12.41 37.16
C PHE B 59 -8.43 -13.72 36.71
N SER B 60 -7.68 -14.56 35.99
CA SER B 60 -8.23 -15.84 35.55
C SER B 60 -8.01 -16.96 36.57
N ARG B 61 -6.90 -16.92 37.34
CA ARG B 61 -6.75 -17.78 38.49
C ARG B 61 -7.65 -17.35 39.64
N ALA B 62 -8.27 -16.17 39.55
CA ALA B 62 -9.12 -15.60 40.59
C ALA B 62 -10.59 -15.97 40.40
N ILE B 63 -11.11 -15.71 39.21
CA ILE B 63 -12.45 -16.18 38.87
C ILE B 63 -12.53 -17.69 39.09
N ALA B 64 -11.44 -18.41 38.86
CA ALA B 64 -11.45 -19.87 38.89
C ALA B 64 -11.23 -20.41 40.29
N LYS B 65 -10.40 -19.77 41.10
CA LYS B 65 -10.30 -20.15 42.51
C LYS B 65 -11.65 -19.95 43.21
N GLU B 66 -12.37 -18.90 42.81
CA GLU B 66 -13.66 -18.59 43.39
C GLU B 66 -14.79 -19.41 42.76
N ALA B 67 -14.68 -19.76 41.47
CA ALA B 67 -15.68 -20.61 40.85
C ALA B 67 -15.47 -22.10 41.17
N ASN B 68 -14.34 -22.42 41.81
CA ASN B 68 -13.98 -23.79 42.17
C ASN B 68 -13.54 -24.63 40.97
N VAL B 69 -12.81 -24.04 40.03
CA VAL B 69 -12.40 -24.69 38.79
C VAL B 69 -10.96 -24.31 38.47
N PRO B 70 -10.27 -25.11 37.66
CA PRO B 70 -8.89 -24.74 37.29
C PRO B 70 -8.87 -23.50 36.40
N VAL B 71 -7.65 -23.02 36.13
CA VAL B 71 -7.40 -21.96 35.14
C VAL B 71 -6.58 -22.60 34.03
N VAL B 72 -6.73 -22.10 32.81
CA VAL B 72 -6.07 -22.70 31.66
C VAL B 72 -5.71 -21.62 30.66
N VAL B 73 -4.55 -21.78 30.04
CA VAL B 73 -4.04 -20.88 29.01
C VAL B 73 -4.25 -21.55 27.66
N VAL B 74 -4.96 -20.88 26.76
CA VAL B 74 -5.04 -21.30 25.37
C VAL B 74 -4.36 -20.25 24.51
N PHE B 75 -3.57 -20.67 23.54
CA PHE B 75 -2.94 -19.70 22.65
C PHE B 75 -3.13 -20.12 21.20
N CYS B 76 -3.18 -19.13 20.31
CA CYS B 76 -3.63 -19.32 18.94
C CYS B 76 -2.61 -18.70 17.98
N LEU B 77 -1.90 -19.56 17.25
CA LEU B 77 -0.94 -19.10 16.26
C LEU B 77 -1.62 -19.01 14.90
N THR B 78 -1.54 -17.83 14.28
CA THR B 78 -2.22 -17.59 13.04
C THR B 78 -1.22 -17.60 11.88
N ASP B 79 -1.72 -17.98 10.70
CA ASP B 79 -0.84 -18.17 9.53
C ASP B 79 -0.18 -16.87 9.08
N GLU B 80 -0.72 -15.72 9.45
CA GLU B 80 -0.13 -14.44 9.08
C GLU B 80 1.24 -14.21 9.73
N PHE B 81 1.58 -14.97 10.78
CA PHE B 81 2.91 -14.84 11.37
C PHE B 81 3.99 -15.46 10.49
N LEU B 82 3.64 -16.51 9.74
CA LEU B 82 4.59 -17.09 8.79
C LEU B 82 4.78 -16.25 7.54
N GLU B 83 3.86 -15.31 7.26
CA GLU B 83 4.07 -14.28 6.26
C GLU B 83 4.75 -13.04 6.83
N ALA B 84 4.87 -12.96 8.16
CA ALA B 84 5.53 -11.83 8.80
C ALA B 84 7.04 -11.93 8.71
N GLY B 85 7.59 -13.13 8.88
CA GLY B 85 9.03 -13.31 8.79
C GLY B 85 9.53 -14.02 10.02
N ILE B 86 10.63 -14.76 9.85
CA ILE B 86 10.98 -15.74 10.87
C ILE B 86 11.60 -15.09 12.10
N ARG B 87 12.35 -13.98 11.92
CA ARG B 87 13.03 -13.37 13.07
C ARG B 87 12.05 -13.03 14.19
N GLN B 88 10.79 -12.82 13.85
CA GLN B 88 9.77 -12.59 14.85
C GLN B 88 9.09 -13.89 15.26
N TYR B 89 8.79 -14.74 14.29
CA TYR B 89 8.27 -16.07 14.58
C TYR B 89 9.20 -16.83 15.52
N GLU B 90 10.52 -16.73 15.29
CA GLU B 90 11.52 -17.38 16.12
C GLU B 90 11.53 -16.82 17.54
N PHE B 91 11.72 -15.50 17.65
CA PHE B 91 11.72 -14.85 18.96
C PHE B 91 10.50 -15.24 19.78
N MET B 92 9.34 -15.39 19.13
CA MET B 92 8.12 -15.66 19.87
C MET B 92 8.00 -17.13 20.23
N LEU B 93 8.24 -18.01 19.26
CA LEU B 93 8.07 -19.44 19.47
C LEU B 93 9.00 -19.97 20.56
N LYS B 94 10.16 -19.34 20.77
CA LYS B 94 11.02 -19.81 21.85
C LYS B 94 10.75 -19.11 23.16
N GLY B 95 9.97 -18.03 23.13
CA GLY B 95 9.44 -17.50 24.37
C GLY B 95 8.33 -18.36 24.94
N LEU B 96 7.43 -18.83 24.09
CA LEU B 96 6.32 -19.67 24.49
C LEU B 96 6.76 -21.09 24.85
N GLN B 97 8.03 -21.45 24.68
CA GLN B 97 8.52 -22.72 25.22
C GLN B 97 8.97 -22.58 26.67
N GLU B 98 9.65 -21.47 27.01
CA GLU B 98 9.84 -21.07 28.40
C GLU B 98 8.50 -20.93 29.10
N LEU B 99 7.55 -20.25 28.45
CA LEU B 99 6.25 -19.98 29.05
C LEU B 99 5.51 -21.27 29.38
N GLU B 100 5.66 -22.29 28.52
CA GLU B 100 4.97 -23.56 28.74
C GLU B 100 5.32 -24.15 30.11
N VAL B 101 6.52 -23.88 30.61
CA VAL B 101 6.99 -24.50 31.85
C VAL B 101 6.78 -23.61 33.07
N SER B 102 7.04 -22.30 32.93
CA SER B 102 6.67 -21.37 33.99
C SER B 102 5.19 -21.53 34.36
N LEU B 103 4.33 -21.77 33.35
CA LEU B 103 2.95 -22.14 33.62
C LEU B 103 2.87 -23.55 34.20
N SER B 104 3.50 -24.51 33.51
CA SER B 104 3.42 -25.89 33.94
C SER B 104 3.95 -26.08 35.36
N ARG B 105 4.84 -25.19 35.81
CA ARG B 105 5.30 -25.21 37.19
C ARG B 105 4.17 -24.87 38.16
N LYS B 106 3.27 -23.96 37.76
CA LYS B 106 2.12 -23.55 38.56
C LYS B 106 0.91 -24.47 38.38
N LYS B 107 1.08 -25.57 37.65
CA LYS B 107 0.03 -26.53 37.37
C LYS B 107 -1.03 -25.97 36.42
N ILE B 108 -0.66 -25.01 35.57
CA ILE B 108 -1.58 -24.42 34.60
C ILE B 108 -1.24 -24.94 33.21
N PRO B 109 -2.17 -25.60 32.53
CA PRO B 109 -1.90 -26.09 31.18
C PRO B 109 -1.99 -24.99 30.14
N SER B 110 -1.17 -25.14 29.12
CA SER B 110 -1.24 -24.34 27.91
C SER B 110 -1.86 -25.17 26.80
N PHE B 111 -2.70 -24.55 25.98
CA PHE B 111 -3.31 -25.20 24.82
C PHE B 111 -2.99 -24.36 23.60
N PHE B 112 -2.43 -24.99 22.57
CA PHE B 112 -1.85 -24.23 21.45
C PHE B 112 -2.53 -24.60 20.13
N LEU B 113 -3.41 -23.73 19.66
CA LEU B 113 -4.25 -24.00 18.52
C LEU B 113 -3.63 -23.38 17.27
N ARG B 114 -4.31 -23.51 16.13
CA ARG B 114 -3.78 -22.89 14.92
C ARG B 114 -4.91 -22.52 13.97
N GLY B 115 -4.89 -21.27 13.47
CA GLY B 115 -5.92 -20.80 12.56
C GLY B 115 -6.70 -19.58 13.02
N ASP B 116 -7.82 -19.31 12.37
CA ASP B 116 -8.70 -18.18 12.66
C ASP B 116 -9.20 -18.21 14.10
N PRO B 117 -8.76 -17.28 14.96
CA PRO B 117 -9.13 -17.36 16.39
C PRO B 117 -10.62 -17.24 16.65
N GLY B 118 -11.32 -16.38 15.90
CA GLY B 118 -12.78 -16.33 16.01
C GLY B 118 -13.45 -17.64 15.68
N GLU B 119 -12.81 -18.48 14.85
CA GLU B 119 -13.33 -19.80 14.61
C GLU B 119 -12.75 -20.82 15.58
N LYS B 120 -11.47 -20.70 15.92
CA LYS B 120 -10.85 -21.71 16.76
C LYS B 120 -11.19 -21.54 18.23
N ILE B 121 -11.06 -20.34 18.79
CA ILE B 121 -11.28 -20.21 20.23
C ILE B 121 -12.73 -20.51 20.60
N SER B 122 -13.69 -20.13 19.75
CA SER B 122 -15.07 -20.54 20.01
C SER B 122 -15.18 -22.05 20.14
N ARG B 123 -14.82 -22.77 19.07
CA ARG B 123 -14.76 -24.24 19.06
C ARG B 123 -14.15 -24.80 20.34
N PHE B 124 -12.93 -24.36 20.67
CA PHE B 124 -12.31 -24.78 21.93
C PHE B 124 -13.22 -24.52 23.12
N VAL B 125 -13.86 -23.34 23.15
CA VAL B 125 -14.65 -22.94 24.32
C VAL B 125 -15.71 -24.00 24.62
N LYS B 126 -16.39 -24.48 23.58
CA LYS B 126 -17.46 -25.46 23.73
C LYS B 126 -16.90 -26.84 24.09
N ASP B 127 -15.86 -27.27 23.37
CA ASP B 127 -15.25 -28.60 23.51
C ASP B 127 -14.55 -28.82 24.87
N TYR B 128 -14.48 -27.80 25.74
CA TYR B 128 -14.08 -27.97 27.14
C TYR B 128 -15.11 -27.33 28.08
N ASN B 129 -16.34 -27.17 27.58
CA ASN B 129 -17.44 -26.45 28.23
C ASN B 129 -16.95 -25.39 29.19
N ALA B 130 -16.16 -24.44 28.66
CA ALA B 130 -15.51 -23.43 29.48
C ALA B 130 -16.51 -22.70 30.35
N GLY B 131 -16.16 -22.50 31.62
CA GLY B 131 -16.95 -21.66 32.49
C GLY B 131 -16.95 -20.21 32.08
N THR B 132 -15.77 -19.60 32.06
CA THR B 132 -15.61 -18.20 31.69
C THR B 132 -14.40 -18.05 30.79
N LEU B 133 -14.48 -17.07 29.87
CA LEU B 133 -13.41 -16.75 28.92
C LEU B 133 -12.93 -15.32 29.15
N VAL B 134 -11.62 -15.17 29.33
CA VAL B 134 -10.98 -13.86 29.47
C VAL B 134 -9.84 -13.72 28.46
N THR B 135 -9.70 -12.53 27.87
CA THR B 135 -8.58 -12.20 27.00
C THR B 135 -7.94 -10.89 27.48
N ASP B 136 -6.70 -10.65 27.06
CA ASP B 136 -6.05 -9.40 27.41
C ASP B 136 -6.36 -8.36 26.34
N PHE B 137 -5.65 -7.22 26.35
CA PHE B 137 -6.07 -6.06 25.56
C PHE B 137 -5.08 -5.66 24.46
N SER B 138 -5.60 -5.47 23.24
CA SER B 138 -4.88 -4.89 22.11
C SER B 138 -5.72 -3.79 21.47
N PRO B 139 -5.18 -2.60 21.26
CA PRO B 139 -5.90 -1.60 20.43
C PRO B 139 -5.88 -1.90 18.92
N LEU B 140 -5.00 -2.79 18.46
CA LEU B 140 -4.90 -3.11 17.05
C LEU B 140 -6.23 -3.62 16.48
N ARG B 141 -6.48 -3.28 15.21
CA ARG B 141 -7.77 -3.55 14.60
C ARG B 141 -8.12 -5.04 14.57
N ILE B 142 -7.13 -5.88 14.25
CA ILE B 142 -7.42 -7.29 14.03
C ILE B 142 -8.02 -7.93 15.27
N LYS B 143 -7.65 -7.45 16.47
CA LYS B 143 -8.23 -8.01 17.68
C LYS B 143 -9.72 -7.74 17.76
N ASN B 144 -10.14 -6.49 17.56
CA ASN B 144 -11.56 -6.18 17.69
C ASN B 144 -12.39 -7.02 16.73
N GLN B 145 -11.86 -7.24 15.54
CA GLN B 145 -12.53 -8.12 14.60
C GLN B 145 -12.76 -9.50 15.22
N TRP B 146 -11.70 -10.13 15.72
CA TRP B 146 -11.83 -11.45 16.31
C TRP B 146 -12.78 -11.44 17.51
N ILE B 147 -12.51 -10.54 18.48
CA ILE B 147 -13.35 -10.35 19.65
C ILE B 147 -14.79 -10.28 19.18
N GLU B 148 -15.03 -9.49 18.13
CA GLU B 148 -16.39 -9.36 17.60
C GLU B 148 -16.94 -10.68 17.11
N LYS B 149 -16.09 -11.52 16.54
CA LYS B 149 -16.54 -12.82 16.06
C LYS B 149 -16.86 -13.76 17.22
N VAL B 150 -15.91 -13.91 18.17
CA VAL B 150 -16.04 -14.84 19.30
C VAL B 150 -17.30 -14.54 20.10
N ILE B 151 -17.74 -13.27 20.10
CA ILE B 151 -18.92 -12.90 20.88
C ILE B 151 -20.15 -13.64 20.38
N SER B 152 -20.23 -13.84 19.06
CA SER B 152 -21.27 -14.65 18.41
C SER B 152 -21.04 -16.15 18.60
N GLY B 153 -19.90 -16.56 19.14
CA GLY B 153 -19.56 -17.96 19.25
C GLY B 153 -19.75 -18.54 20.63
N ILE B 154 -19.61 -17.68 21.65
CA ILE B 154 -19.75 -18.06 23.05
C ILE B 154 -21.15 -17.70 23.52
N SER B 155 -21.62 -18.39 24.56
CA SER B 155 -22.73 -17.88 25.37
C SER B 155 -22.35 -17.70 26.83
N ILE B 156 -21.08 -17.92 27.18
CA ILE B 156 -20.51 -17.77 28.52
C ILE B 156 -20.07 -16.34 28.72
N PRO B 157 -19.76 -15.90 29.95
CA PRO B 157 -19.24 -14.53 30.11
C PRO B 157 -17.85 -14.39 29.50
N PHE B 158 -17.52 -13.14 29.12
CA PHE B 158 -16.29 -12.87 28.38
C PHE B 158 -15.74 -11.50 28.79
N PHE B 159 -14.49 -11.46 29.25
CA PHE B 159 -13.87 -10.24 29.75
C PHE B 159 -12.55 -9.91 29.04
N GLU B 160 -12.17 -8.64 29.07
CA GLU B 160 -10.84 -8.21 28.70
C GLU B 160 -10.19 -7.49 29.87
N VAL B 161 -8.91 -7.79 30.11
CA VAL B 161 -8.07 -7.07 31.07
C VAL B 161 -7.04 -6.30 30.27
N ASP B 162 -6.69 -5.09 30.72
CA ASP B 162 -5.50 -4.41 30.19
C ASP B 162 -4.29 -4.88 31.00
N ALA B 163 -3.55 -5.85 30.45
CA ALA B 163 -2.33 -6.33 31.08
C ALA B 163 -1.11 -5.53 30.67
N HIS B 164 -1.23 -4.66 29.66
CA HIS B 164 -0.10 -4.09 28.97
C HIS B 164 0.22 -2.67 29.40
N ASN B 165 -0.78 -1.96 29.94
CA ASN B 165 -0.63 -0.61 30.47
C ASN B 165 -0.74 -0.59 31.98
N VAL B 166 -0.03 0.36 32.58
CA VAL B 166 -0.17 0.60 34.01
C VAL B 166 -1.49 1.28 34.30
N VAL B 167 -1.92 2.16 33.41
CA VAL B 167 -3.23 2.80 33.52
C VAL B 167 -4.12 2.24 32.41
N PRO B 168 -5.25 1.63 32.73
CA PRO B 168 -6.14 1.09 31.68
C PRO B 168 -6.36 2.10 30.56
N CYS B 169 -6.10 1.66 29.33
CA CYS B 169 -6.11 2.54 28.19
C CYS B 169 -7.45 3.26 28.01
N TRP B 170 -8.57 2.67 28.46
CA TRP B 170 -9.88 3.31 28.40
C TRP B 170 -10.18 4.21 29.59
N GLU B 171 -9.28 4.29 30.58
CA GLU B 171 -9.46 5.15 31.74
C GLU B 171 -8.48 6.31 31.83
N ALA B 172 -7.43 6.31 30.98
CA ALA B 172 -6.46 7.42 30.93
C ALA B 172 -7.05 8.63 30.21
N SER B 173 -7.51 8.45 28.97
CA SER B 173 -8.31 9.44 28.25
C SER B 173 -9.45 8.72 27.53
N GLN B 174 -10.49 9.47 27.16
CA GLN B 174 -11.49 8.93 26.25
C GLN B 174 -11.45 9.54 24.86
N LYS B 175 -10.66 10.59 24.63
CA LYS B 175 -10.44 11.18 23.32
C LYS B 175 -9.03 10.86 22.86
N HIS B 176 -8.86 10.77 21.54
CA HIS B 176 -7.53 10.90 20.96
C HIS B 176 -6.87 12.15 21.51
N GLU B 177 -5.60 12.05 21.88
CA GLU B 177 -4.87 13.19 22.41
C GLU B 177 -4.02 13.81 21.31
N TYR B 178 -4.09 15.14 21.19
CA TYR B 178 -3.36 15.87 20.16
C TYR B 178 -1.86 15.85 20.40
N ALA B 179 -1.43 15.78 21.66
CA ALA B 179 -0.03 15.93 21.98
C ALA B 179 0.26 15.28 23.33
N ALA B 180 1.53 14.94 23.55
CA ALA B 180 1.91 14.36 24.83
C ALA B 180 1.73 15.36 25.96
N HIS B 181 1.89 16.66 25.69
CA HIS B 181 1.74 17.63 26.77
C HIS B 181 0.26 17.84 27.22
N THR B 182 -0.68 17.05 26.71
CA THR B 182 -2.03 16.98 27.26
C THR B 182 -2.33 15.62 27.86
N PHE B 183 -1.87 14.56 27.20
CA PHE B 183 -1.92 13.23 27.80
C PHE B 183 -1.15 13.19 29.12
N ARG B 184 -0.19 14.09 29.30
CA ARG B 184 0.68 13.98 30.47
C ARG B 184 -0.05 14.32 31.76
N PRO B 185 -0.83 15.41 31.84
CA PRO B 185 -1.54 15.67 33.10
C PRO B 185 -2.59 14.63 33.42
N LYS B 186 -3.24 14.05 32.41
CA LYS B 186 -4.26 13.05 32.74
C LYS B 186 -3.63 11.73 33.15
N LEU B 187 -2.64 11.23 32.40
CA LEU B 187 -2.00 9.97 32.78
C LEU B 187 -1.47 10.05 34.22
N TYR B 188 -0.62 11.05 34.52
CA TYR B 188 -0.04 11.17 35.85
C TYR B 188 -1.08 11.40 36.94
N ALA B 189 -2.18 12.10 36.62
CA ALA B 189 -3.25 12.29 37.59
C ALA B 189 -3.66 10.96 38.20
N LEU B 190 -3.70 9.89 37.40
CA LEU B 190 -4.20 8.62 37.86
C LEU B 190 -3.10 7.63 38.21
N LEU B 191 -1.82 8.00 38.12
CA LEU B 191 -0.77 7.00 38.35
C LEU B 191 -0.83 6.41 39.76
N PRO B 192 -0.86 7.20 40.83
CA PRO B 192 -0.91 6.58 42.18
C PRO B 192 -2.15 5.73 42.42
N GLU B 193 -3.18 5.81 41.57
CA GLU B 193 -4.28 4.88 41.70
C GLU B 193 -3.91 3.50 41.16
N PHE B 194 -3.10 3.44 40.10
CA PHE B 194 -2.90 2.21 39.33
C PHE B 194 -1.48 1.66 39.39
N LEU B 195 -0.56 2.33 40.08
CA LEU B 195 0.82 1.83 40.15
C LEU B 195 0.99 1.07 41.46
N GLU B 196 0.53 -0.17 41.47
CA GLU B 196 0.68 -1.04 42.62
C GLU B 196 1.66 -2.17 42.30
N GLU B 197 1.51 -3.28 43.03
CA GLU B 197 2.42 -4.41 42.98
C GLU B 197 1.62 -5.67 42.70
N PHE B 198 2.17 -6.54 41.86
CA PHE B 198 1.40 -7.67 41.34
C PHE B 198 1.32 -8.79 42.36
N PRO B 199 0.12 -9.25 42.72
CA PRO B 199 0.02 -10.48 43.53
C PRO B 199 0.59 -11.69 42.81
N GLU B 200 1.23 -12.57 43.58
CA GLU B 200 1.82 -13.77 43.02
C GLU B 200 0.76 -14.68 42.43
N LEU B 201 1.16 -15.46 41.42
CA LEU B 201 0.24 -16.36 40.74
C LEU B 201 0.05 -17.62 41.58
N GLU B 202 -1.13 -17.77 42.16
CA GLU B 202 -1.49 -18.99 42.87
C GLU B 202 -1.51 -20.17 41.91
N PRO B 203 -0.87 -21.31 42.26
CA PRO B 203 -0.95 -22.47 41.38
C PRO B 203 -2.37 -22.97 41.24
N ASN B 204 -2.60 -24.03 40.45
CA ASN B 204 -3.91 -24.67 40.43
C ASN B 204 -4.01 -25.71 41.55
N SER B 205 -5.03 -25.57 42.38
CA SER B 205 -5.35 -26.62 43.34
C SER B 205 -6.01 -27.79 42.63
N VAL B 206 -7.04 -27.50 41.85
CA VAL B 206 -7.79 -28.52 41.14
C VAL B 206 -6.96 -29.06 39.98
N THR B 207 -7.12 -30.34 39.72
CA THR B 207 -6.40 -31.02 38.66
C THR B 207 -6.97 -30.73 37.25
N ASP B 242 15.81 -14.53 7.45
CA ASP B 242 16.76 -13.47 7.11
C ASP B 242 18.21 -13.97 7.21
N PRO B 243 18.85 -14.13 6.05
CA PRO B 243 20.24 -14.58 6.04
C PRO B 243 21.21 -13.55 6.58
N LEU B 244 20.81 -12.29 6.67
CA LEU B 244 21.62 -11.23 7.25
C LEU B 244 21.32 -10.99 8.73
N PHE B 245 20.39 -11.73 9.32
CA PHE B 245 19.93 -11.46 10.68
C PHE B 245 20.79 -12.20 11.68
N GLU B 246 21.49 -11.44 12.52
CA GLU B 246 22.28 -11.92 13.65
C GLU B 246 21.39 -12.13 14.88
N PRO B 247 20.92 -13.35 15.16
CA PRO B 247 19.91 -13.53 16.21
C PRO B 247 20.43 -13.59 17.64
N TRP B 248 21.69 -13.25 17.91
CA TRP B 248 22.21 -13.35 19.29
C TRP B 248 22.09 -12.05 20.06
N HIS B 249 21.64 -10.96 19.43
CA HIS B 249 21.60 -9.73 20.19
C HIS B 249 20.48 -9.74 21.21
N PHE B 250 19.50 -10.63 21.05
CA PHE B 250 18.26 -10.59 21.82
C PHE B 250 17.81 -12.02 22.11
N GLU B 251 17.99 -12.42 23.38
CA GLU B 251 17.57 -13.72 23.86
C GLU B 251 16.06 -13.74 24.08
N PRO B 252 15.32 -14.69 23.50
CA PRO B 252 13.88 -14.75 23.74
C PRO B 252 13.59 -15.32 25.12
N GLY B 253 12.84 -14.56 25.92
CA GLY B 253 12.39 -15.09 27.19
C GLY B 253 12.00 -14.06 28.22
N GLU B 254 10.90 -14.34 28.93
CA GLU B 254 10.57 -13.54 30.10
C GLU B 254 11.67 -13.64 31.13
N LYS B 255 12.41 -14.75 31.11
CA LYS B 255 13.66 -14.83 31.87
C LYS B 255 14.71 -13.90 31.30
N ALA B 256 14.83 -13.90 29.97
CA ALA B 256 15.82 -13.05 29.30
C ALA B 256 15.45 -11.58 29.41
N ALA B 257 14.18 -11.24 29.11
CA ALA B 257 13.67 -9.89 29.35
C ALA B 257 14.11 -9.35 30.71
N LYS B 258 14.13 -10.22 31.71
CA LYS B 258 14.41 -9.80 33.08
C LYS B 258 15.83 -9.28 33.23
N LYS B 259 16.82 -10.11 32.89
CA LYS B 259 18.20 -9.67 33.02
C LYS B 259 18.51 -8.51 32.08
N VAL B 260 17.95 -8.56 30.86
CA VAL B 260 17.97 -7.37 30.01
C VAL B 260 17.47 -6.17 30.79
N MET B 261 16.29 -6.29 31.41
CA MET B 261 15.74 -5.17 32.17
C MET B 261 16.68 -4.68 33.27
N GLU B 262 17.50 -5.55 33.83
CA GLU B 262 18.22 -5.12 35.02
C GLU B 262 19.66 -4.73 34.74
N SER B 263 20.28 -5.33 33.72
CA SER B 263 21.48 -4.75 33.12
C SER B 263 21.26 -3.25 32.88
N PHE B 264 20.12 -2.89 32.29
CA PHE B 264 19.77 -1.49 32.08
C PHE B 264 19.82 -0.70 33.38
N ILE B 265 19.35 -1.30 34.46
CA ILE B 265 19.21 -0.51 35.68
C ILE B 265 20.54 -0.33 36.36
N ALA B 266 21.47 -1.27 36.17
CA ALA B 266 22.77 -1.13 36.82
C ALA B 266 23.79 -0.41 35.94
N ASP B 267 23.73 -0.62 34.63
CA ASP B 267 24.79 -0.14 33.74
C ASP B 267 24.41 1.06 32.91
N ARG B 268 23.13 1.25 32.61
CA ARG B 268 22.72 2.17 31.55
C ARG B 268 21.66 3.20 31.93
N LEU B 269 20.83 2.96 32.96
CA LEU B 269 19.75 3.90 33.28
C LEU B 269 20.30 5.23 33.78
N ASP B 270 21.31 5.20 34.66
CA ASP B 270 21.89 6.43 35.20
C ASP B 270 22.40 7.34 34.09
N SER B 271 23.01 6.77 33.05
CA SER B 271 23.51 7.53 31.91
C SER B 271 22.47 7.75 30.81
N TYR B 272 21.34 7.04 30.85
CA TYR B 272 20.31 7.17 29.83
C TYR B 272 20.00 8.63 29.51
N GLY B 273 20.06 9.50 30.52
CA GLY B 273 19.72 10.90 30.35
C GLY B 273 20.30 11.56 29.12
N ALA B 274 21.61 11.82 29.12
CA ALA B 274 22.26 12.59 28.07
C ALA B 274 22.95 11.73 27.02
N LEU B 275 22.58 10.46 26.90
CA LEU B 275 23.17 9.59 25.88
C LEU B 275 22.14 8.93 24.97
N ARG B 276 20.86 8.88 25.37
CA ARG B 276 19.85 8.15 24.63
C ARG B 276 19.89 8.42 23.13
N ASN B 277 20.09 9.68 22.72
CA ASN B 277 20.08 10.07 21.31
C ASN B 277 21.46 9.98 20.63
N ASP B 278 22.36 9.11 21.10
CA ASP B 278 23.65 8.91 20.43
C ASP B 278 23.71 7.50 19.87
N PRO B 279 23.36 7.29 18.60
CA PRO B 279 23.34 5.92 18.03
C PRO B 279 24.65 5.15 18.13
N THR B 280 25.75 5.80 18.54
CA THR B 280 27.03 5.12 18.68
C THR B 280 27.25 4.54 20.07
N LYS B 281 26.38 4.87 21.03
CA LYS B 281 26.39 4.27 22.37
C LYS B 281 25.19 3.35 22.47
N ASN B 282 25.41 2.15 23.02
CA ASN B 282 24.31 1.23 23.28
C ASN B 282 23.72 1.57 24.64
N MET B 283 23.12 2.76 24.70
CA MET B 283 22.66 3.34 25.96
C MET B 283 21.15 3.37 26.11
N LEU B 284 20.40 2.68 25.25
CA LEU B 284 18.97 2.53 25.43
C LEU B 284 18.69 1.27 26.27
N SER B 285 17.42 1.10 26.68
CA SER B 285 17.09 -0.01 27.59
C SER B 285 17.00 -1.35 26.88
N ASN B 286 16.71 -1.35 25.58
CA ASN B 286 16.54 -2.52 24.73
C ASN B 286 15.32 -3.37 25.11
N LEU B 287 14.38 -2.80 25.87
CA LEU B 287 13.24 -3.55 26.40
C LEU B 287 12.11 -3.73 25.41
N SER B 288 12.21 -3.11 24.24
CA SER B 288 11.10 -3.02 23.30
C SER B 288 10.78 -4.33 22.58
N PRO B 289 11.76 -5.21 22.28
CA PRO B 289 11.34 -6.52 21.75
C PRO B 289 10.58 -7.35 22.78
N TYR B 290 10.93 -7.20 24.07
CA TYR B 290 10.20 -7.89 25.14
C TYR B 290 8.83 -7.27 25.37
N LEU B 291 8.74 -5.94 25.40
CA LEU B 291 7.46 -5.30 25.65
C LEU B 291 6.46 -5.59 24.53
N HIS B 292 6.94 -5.64 23.29
CA HIS B 292 6.00 -5.93 22.21
C HIS B 292 5.31 -7.27 22.42
N PHE B 293 6.09 -8.32 22.71
CA PHE B 293 5.55 -9.67 22.85
C PHE B 293 5.01 -9.93 24.25
N GLY B 294 5.06 -8.95 25.14
CA GLY B 294 4.59 -9.13 26.49
C GLY B 294 5.48 -10.00 27.34
N GLN B 295 6.73 -10.23 26.90
CA GLN B 295 7.63 -11.06 27.68
C GLN B 295 8.07 -10.38 28.98
N ILE B 296 7.83 -9.09 29.12
CA ILE B 296 8.09 -8.37 30.37
C ILE B 296 7.00 -7.33 30.50
N SER B 297 6.49 -7.14 31.71
CA SER B 297 5.44 -6.14 31.93
C SER B 297 6.04 -4.75 32.10
N SER B 298 5.36 -3.75 31.56
CA SER B 298 5.85 -2.39 31.71
C SER B 298 5.67 -1.89 33.14
N GLN B 299 4.62 -2.33 33.83
CA GLN B 299 4.41 -1.92 35.21
C GLN B 299 5.57 -2.35 36.09
N ARG B 300 5.92 -3.64 36.00
CA ARG B 300 7.12 -4.13 36.68
C ARG B 300 8.30 -3.20 36.43
N VAL B 301 8.51 -2.84 35.15
CA VAL B 301 9.67 -2.02 34.78
C VAL B 301 9.66 -0.70 35.52
N VAL B 302 8.55 0.02 35.44
CA VAL B 302 8.41 1.30 36.14
C VAL B 302 8.62 1.12 37.65
N LEU B 303 8.23 -0.03 38.21
CA LEU B 303 8.44 -0.25 39.63
C LEU B 303 9.93 -0.26 39.96
N GLU B 304 10.68 -1.16 39.33
CA GLU B 304 12.11 -1.27 39.66
C GLU B 304 12.87 0.00 39.31
N VAL B 305 12.40 0.80 38.35
CA VAL B 305 13.06 2.08 38.08
C VAL B 305 12.82 3.06 39.24
N GLU B 306 11.59 3.13 39.77
CA GLU B 306 11.31 4.03 40.87
C GLU B 306 12.06 3.63 42.14
N LYS B 307 12.45 2.36 42.27
CA LYS B 307 13.31 1.89 43.35
C LYS B 307 14.78 1.99 43.00
N ALA B 308 15.11 2.28 41.75
CA ALA B 308 16.50 2.34 41.33
C ALA B 308 17.12 3.65 41.77
N GLU B 309 18.29 3.56 42.39
CA GLU B 309 19.05 4.73 42.84
C GLU B 309 19.86 5.26 41.67
N SER B 310 19.27 6.19 40.91
CA SER B 310 19.95 6.74 39.75
C SER B 310 19.61 8.21 39.62
N ASN B 311 20.22 8.82 38.61
CA ASN B 311 20.01 10.22 38.32
C ASN B 311 18.51 10.53 38.28
N PRO B 312 18.09 11.71 38.77
CA PRO B 312 16.68 12.08 38.68
C PRO B 312 16.20 12.50 37.29
N GLY B 313 17.09 12.64 36.31
CA GLY B 313 16.72 13.11 34.98
C GLY B 313 16.88 12.04 33.94
N SER B 314 17.80 11.12 34.23
CA SER B 314 17.75 9.79 33.63
C SER B 314 16.55 9.00 34.15
N LYS B 315 15.96 9.44 35.25
CA LYS B 315 14.76 8.82 35.77
C LYS B 315 13.52 9.44 35.17
N LYS B 316 13.50 10.77 35.03
CA LYS B 316 12.33 11.40 34.43
C LYS B 316 12.29 11.29 32.91
N ALA B 317 13.42 11.05 32.25
CA ALA B 317 13.37 10.88 30.80
C ALA B 317 12.92 9.47 30.42
N PHE B 318 13.34 8.45 31.18
CA PHE B 318 12.92 7.08 30.85
C PHE B 318 11.47 6.81 31.26
N LEU B 319 11.05 7.31 32.44
CA LEU B 319 9.64 7.27 32.81
C LEU B 319 8.73 7.99 31.81
N ASP B 320 9.26 8.96 31.07
CA ASP B 320 8.44 9.60 30.05
C ASP B 320 8.31 8.75 28.79
N GLU B 321 9.28 7.87 28.55
CA GLU B 321 9.23 7.04 27.36
C GLU B 321 8.31 5.84 27.56
N ILE B 322 8.44 5.17 28.71
CA ILE B 322 7.71 3.93 28.93
C ILE B 322 6.31 4.18 29.49
N LEU B 323 6.04 5.37 30.02
CA LEU B 323 4.68 5.75 30.39
C LEU B 323 4.01 6.65 29.35
N ILE B 324 4.55 7.84 29.12
CA ILE B 324 3.83 8.81 28.30
C ILE B 324 3.73 8.32 26.86
N TRP B 325 4.87 8.01 26.23
CA TRP B 325 4.86 7.72 24.79
C TRP B 325 4.34 6.32 24.49
N LYS B 326 4.52 5.35 25.38
CA LYS B 326 4.02 3.99 25.14
C LYS B 326 2.51 3.94 25.21
N GLU B 327 1.91 4.70 26.12
CA GLU B 327 0.48 4.57 26.33
C GLU B 327 -0.32 5.54 25.46
N ILE B 328 0.22 6.71 25.12
CA ILE B 328 -0.38 7.51 24.06
C ILE B 328 -0.31 6.77 22.71
N SER B 329 0.50 5.71 22.62
CA SER B 329 0.56 4.91 21.39
C SER B 329 -0.58 3.90 21.33
N ASP B 330 -0.89 3.27 22.47
CA ASP B 330 -2.12 2.51 22.59
C ASP B 330 -3.33 3.44 22.45
N ASN B 331 -3.24 4.66 22.98
CA ASN B 331 -4.30 5.64 22.81
C ASN B 331 -4.54 5.93 21.33
N PHE B 332 -3.46 6.14 20.55
CA PHE B 332 -3.59 6.47 19.13
C PHE B 332 -4.49 5.48 18.39
N CYS B 333 -4.04 4.21 18.23
CA CYS B 333 -4.81 3.16 17.55
C CYS B 333 -6.09 2.73 18.26
N TYR B 334 -6.39 3.29 19.42
CA TYR B 334 -7.64 2.85 20.03
C TYR B 334 -8.80 3.75 19.63
N TYR B 335 -8.49 5.02 19.35
CA TYR B 335 -9.49 6.02 19.02
C TYR B 335 -9.43 6.44 17.56
N ASN B 336 -8.66 5.72 16.73
CA ASN B 336 -8.54 6.03 15.31
C ASN B 336 -8.38 4.71 14.58
N PRO B 337 -9.50 4.05 14.21
CA PRO B 337 -9.43 3.03 13.15
C PRO B 337 -8.94 3.74 11.92
N GLY B 338 -7.76 3.47 11.43
CA GLY B 338 -7.18 4.36 10.44
C GLY B 338 -5.74 4.74 10.74
N TYR B 339 -5.33 4.49 11.98
CA TYR B 339 -4.01 4.73 12.50
C TYR B 339 -2.88 4.26 11.60
N ASP B 340 -3.19 3.49 10.56
CA ASP B 340 -2.16 3.02 9.63
C ASP B 340 -2.35 3.58 8.24
N GLY B 341 -3.11 4.67 8.10
CA GLY B 341 -3.29 5.30 6.82
C GLY B 341 -3.25 6.82 6.95
N PHE B 342 -3.13 7.45 5.78
CA PHE B 342 -3.04 8.90 5.68
C PHE B 342 -4.20 9.60 6.38
N GLU B 343 -5.41 9.01 6.33
CA GLU B 343 -6.62 9.68 6.83
C GLU B 343 -6.49 10.23 8.24
N SER B 344 -5.76 9.56 9.10
CA SER B 344 -5.75 9.95 10.50
C SER B 344 -4.78 11.10 10.80
N PHE B 345 -4.03 11.59 9.82
CA PHE B 345 -3.14 12.74 10.09
C PHE B 345 -3.97 13.95 10.51
N PRO B 346 -3.45 14.80 11.41
CA PRO B 346 -4.14 16.06 11.70
C PRO B 346 -4.31 16.88 10.44
N SER B 347 -5.29 17.79 10.47
CA SER B 347 -5.70 18.45 9.23
C SER B 347 -4.54 19.18 8.59
N TRP B 348 -3.82 19.98 9.39
CA TRP B 348 -2.74 20.82 8.88
C TRP B 348 -1.68 19.99 8.14
N ALA B 349 -1.45 18.75 8.56
CA ALA B 349 -0.47 17.88 7.90
C ALA B 349 -0.99 17.34 6.58
N LYS B 350 -2.31 17.23 6.44
CA LYS B 350 -2.90 16.73 5.21
C LYS B 350 -2.99 17.82 4.16
N GLU B 351 -3.51 18.99 4.55
CA GLU B 351 -3.50 20.14 3.68
C GLU B 351 -2.09 20.40 3.14
N SER B 352 -1.10 20.40 4.05
CA SER B 352 0.27 20.70 3.65
C SER B 352 0.79 19.66 2.66
N LEU B 353 0.77 18.39 3.06
CA LEU B 353 1.29 17.34 2.18
C LEU B 353 0.57 17.36 0.83
N ASN B 354 -0.74 17.65 0.83
CA ASN B 354 -1.50 17.86 -0.40
C ASN B 354 -0.90 18.96 -1.27
N ALA B 355 -0.69 20.13 -0.67
CA ALA B 355 -0.15 21.28 -1.39
C ALA B 355 1.19 21.00 -2.05
N HIS B 356 1.89 19.94 -1.65
CA HIS B 356 3.23 19.69 -2.16
C HIS B 356 3.35 18.41 -2.99
N ARG B 357 2.23 17.71 -3.24
CA ARG B 357 2.26 16.48 -4.02
C ARG B 357 2.94 16.65 -5.37
N ASN B 358 2.83 17.81 -5.99
CA ASN B 358 3.37 18.01 -7.32
C ASN B 358 4.82 18.45 -7.32
N ASP B 359 5.42 18.61 -6.15
CA ASP B 359 6.83 18.97 -6.01
C ASP B 359 7.71 17.89 -6.63
N VAL B 360 8.91 18.32 -7.04
CA VAL B 360 9.89 17.46 -7.67
C VAL B 360 10.71 16.80 -6.58
N ARG B 361 10.60 15.47 -6.47
CA ARG B 361 11.50 14.80 -5.54
C ARG B 361 12.90 14.83 -6.13
N SER B 362 13.90 15.02 -5.29
CA SER B 362 15.27 15.00 -5.80
C SER B 362 15.84 13.59 -5.87
N HIS B 363 15.27 12.66 -5.14
CA HIS B 363 15.47 11.25 -5.46
C HIS B 363 14.12 10.57 -5.26
N ILE B 364 13.96 9.40 -5.90
CA ILE B 364 12.76 8.60 -5.77
C ILE B 364 13.22 7.16 -5.76
N TYR B 365 13.07 6.47 -4.63
CA TYR B 365 13.49 5.08 -4.54
C TYR B 365 12.27 4.19 -4.40
N THR B 366 12.42 2.93 -4.75
CA THR B 366 11.31 2.00 -4.58
C THR B 366 11.46 1.27 -3.26
N LEU B 367 10.37 0.63 -2.84
CA LEU B 367 10.37 -0.17 -1.61
C LEU B 367 11.49 -1.20 -1.64
N GLU B 368 11.83 -1.69 -2.83
CA GLU B 368 12.86 -2.70 -2.98
C GLU B 368 14.27 -2.11 -2.96
N GLU B 369 14.40 -0.79 -3.08
CA GLU B 369 15.68 -0.10 -2.89
C GLU B 369 15.82 0.39 -1.46
N PHE B 370 14.82 1.09 -0.92
CA PHE B 370 14.80 1.33 0.51
C PHE B 370 15.14 0.04 1.27
N GLU B 371 14.35 -1.02 1.02
CA GLU B 371 14.51 -2.30 1.72
C GLU B 371 15.96 -2.75 1.81
N ALA B 372 16.72 -2.59 0.72
CA ALA B 372 18.08 -3.11 0.61
C ALA B 372 19.15 -2.03 0.75
N GLY B 373 18.81 -0.88 1.32
CA GLY B 373 19.78 0.19 1.53
C GLY B 373 20.46 0.66 0.26
N LYS B 374 19.71 0.72 -0.83
CA LYS B 374 20.22 1.17 -2.12
C LYS B 374 19.93 2.66 -2.35
N THR B 375 20.18 3.52 -1.35
CA THR B 375 20.02 4.95 -1.53
C THR B 375 21.38 5.62 -1.64
N HIS B 376 21.37 6.91 -1.95
CA HIS B 376 22.57 7.73 -2.11
C HIS B 376 23.09 8.28 -0.78
N ASP B 377 22.38 7.98 0.31
CA ASP B 377 22.68 8.47 1.64
C ASP B 377 23.30 7.31 2.42
N PRO B 378 24.57 7.39 2.84
CA PRO B 378 25.11 6.28 3.62
C PRO B 378 24.51 6.19 5.01
N LEU B 379 24.21 7.33 5.65
CA LEU B 379 23.62 7.31 6.99
C LEU B 379 22.19 6.80 6.96
N TRP B 380 21.50 6.88 5.82
CA TRP B 380 20.22 6.21 5.74
C TRP B 380 20.35 4.70 5.53
N ASN B 381 21.08 4.26 4.48
CA ASN B 381 21.44 2.85 4.38
C ASN B 381 22.16 2.33 5.60
N ALA B 382 22.82 3.20 6.37
CA ALA B 382 23.47 2.71 7.58
C ALA B 382 22.43 2.30 8.59
N SER B 383 21.35 3.06 8.73
CA SER B 383 20.32 2.67 9.69
C SER B 383 19.53 1.49 9.19
N GLN B 384 19.38 1.35 7.86
CA GLN B 384 18.69 0.19 7.30
C GLN B 384 19.47 -1.10 7.52
N MET B 385 20.78 -1.01 7.63
CA MET B 385 21.60 -2.20 7.88
C MET B 385 21.53 -2.63 9.35
N GLU B 386 21.53 -1.65 10.26
CA GLU B 386 21.24 -1.99 11.64
C GLU B 386 19.91 -2.73 11.70
N LEU B 387 18.90 -2.22 10.97
CA LEU B 387 17.56 -2.80 11.04
C LEU B 387 17.58 -4.28 10.64
N LEU B 388 18.27 -4.60 9.54
CA LEU B 388 18.20 -5.96 9.00
C LEU B 388 18.97 -6.96 9.87
N SER B 389 20.12 -6.55 10.43
CA SER B 389 21.00 -7.45 11.18
C SER B 389 20.66 -7.56 12.67
N THR B 390 20.37 -6.45 13.33
CA THR B 390 19.98 -6.53 14.73
C THR B 390 18.47 -6.75 14.87
N GLY B 391 17.68 -6.33 13.90
CA GLY B 391 16.26 -6.23 14.10
C GLY B 391 15.84 -5.17 15.08
N LYS B 392 16.68 -4.17 15.35
CA LYS B 392 16.27 -3.11 16.29
C LYS B 392 17.09 -1.84 16.00
N MET B 393 16.56 -0.98 15.15
CA MET B 393 17.23 0.27 14.80
C MET B 393 17.32 1.16 16.03
N HIS B 394 18.42 1.90 16.16
CA HIS B 394 18.52 2.82 17.28
C HIS B 394 17.40 3.83 17.22
N GLY B 395 16.82 4.13 18.37
CA GLY B 395 15.60 4.92 18.43
C GLY B 395 15.67 6.24 17.66
N TYR B 396 16.78 6.98 17.82
CA TYR B 396 16.86 8.31 17.22
C TYR B 396 16.88 8.22 15.69
N MET B 397 17.67 7.27 15.16
CA MET B 397 17.79 7.13 13.71
C MET B 397 16.48 6.71 13.04
N ARG B 398 15.64 5.93 13.73
CA ARG B 398 14.33 5.55 13.19
C ARG B 398 13.53 6.76 12.72
N MET B 399 13.66 7.88 13.43
CA MET B 399 13.09 9.14 12.98
C MET B 399 13.69 9.56 11.64
N TYR B 400 15.02 9.68 11.59
CA TYR B 400 15.72 9.98 10.34
C TYR B 400 15.23 9.08 9.22
N TRP B 401 15.00 7.81 9.56
CA TRP B 401 14.83 6.74 8.60
C TRP B 401 13.46 6.82 7.91
N ALA B 402 12.39 6.99 8.69
CA ALA B 402 11.07 7.23 8.11
C ALA B 402 10.97 8.58 7.44
N LYS B 403 11.85 9.53 7.77
CA LYS B 403 11.66 10.88 7.23
C LYS B 403 12.34 11.07 5.88
N LYS B 404 13.46 10.42 5.67
CA LYS B 404 14.02 10.38 4.32
C LYS B 404 13.17 9.53 3.38
N ILE B 405 12.37 8.63 3.92
CA ILE B 405 11.41 7.88 3.11
C ILE B 405 10.35 8.83 2.55
N LEU B 406 9.72 9.64 3.40
CA LEU B 406 8.78 10.64 2.91
C LEU B 406 9.38 11.49 1.80
N GLU B 407 10.63 11.97 2.02
CA GLU B 407 11.29 12.91 1.11
C GLU B 407 11.64 12.27 -0.25
N TRP B 408 11.99 10.99 -0.27
CA TRP B 408 12.39 10.28 -1.47
C TRP B 408 11.37 9.24 -1.90
N SER B 409 10.09 9.61 -1.88
N SER B 409 10.09 9.59 -1.86
CA SER B 409 9.05 8.70 -2.32
CA SER B 409 9.03 8.70 -2.29
C SER B 409 8.15 9.42 -3.29
C SER B 409 8.14 9.42 -3.28
N GLU B 410 7.41 8.62 -4.07
CA GLU B 410 6.49 9.15 -5.05
C GLU B 410 5.36 9.95 -4.44
N SER B 411 4.91 9.58 -3.25
CA SER B 411 3.69 10.14 -2.67
C SER B 411 3.72 9.89 -1.17
N PRO B 412 3.02 10.71 -0.38
CA PRO B 412 3.00 10.42 1.07
C PRO B 412 2.35 9.10 1.38
N GLU B 413 1.33 8.71 0.60
CA GLU B 413 0.71 7.41 0.82
C GLU B 413 1.66 6.27 0.51
N LYS B 414 2.57 6.45 -0.47
CA LYS B 414 3.58 5.43 -0.75
C LYS B 414 4.70 5.44 0.28
N ALA B 415 5.07 6.62 0.79
CA ALA B 415 6.04 6.69 1.87
C ALA B 415 5.48 6.05 3.13
N LEU B 416 4.17 6.13 3.34
CA LEU B 416 3.56 5.51 4.50
C LEU B 416 3.61 3.98 4.39
N GLU B 417 3.17 3.43 3.25
CA GLU B 417 3.27 2.00 2.95
C GLU B 417 4.67 1.44 3.18
N ILE B 418 5.69 2.03 2.52
CA ILE B 418 7.08 1.56 2.66
C ILE B 418 7.50 1.63 4.12
N ALA B 419 7.27 2.79 4.75
CA ALA B 419 7.59 2.98 6.15
C ALA B 419 7.02 1.84 6.95
N ILE B 420 5.74 1.55 6.74
CA ILE B 420 5.11 0.53 7.57
C ILE B 420 5.63 -0.85 7.19
N CYS B 421 5.82 -1.11 5.88
CA CYS B 421 6.28 -2.43 5.46
C CYS B 421 7.60 -2.79 6.11
N LEU B 422 8.57 -1.88 6.00
CA LEU B 422 9.92 -2.21 6.44
C LEU B 422 10.00 -2.23 7.97
N ASN B 423 9.28 -1.32 8.63
CA ASN B 423 9.14 -1.39 10.08
C ASN B 423 8.56 -2.74 10.53
N ASP B 424 7.45 -3.18 9.90
CA ASP B 424 6.82 -4.43 10.35
C ASP B 424 7.54 -5.68 9.88
N ARG B 425 8.18 -5.64 8.71
CA ARG B 425 8.84 -6.86 8.26
C ARG B 425 10.10 -7.17 9.06
N TYR B 426 10.84 -6.14 9.53
CA TYR B 426 12.17 -6.34 10.08
C TYR B 426 12.36 -5.93 11.54
N GLU B 427 11.54 -5.02 12.06
CA GLU B 427 11.64 -4.67 13.48
C GLU B 427 11.07 -5.77 14.38
N LEU B 428 11.87 -6.20 15.35
CA LEU B 428 11.40 -7.16 16.35
C LEU B 428 10.25 -6.60 17.14
N ASP B 429 10.29 -5.31 17.44
CA ASP B 429 9.23 -4.65 18.18
C ASP B 429 8.10 -4.20 17.29
N GLY B 430 8.09 -4.60 16.02
CA GLY B 430 7.10 -4.14 15.10
C GLY B 430 5.81 -4.92 15.17
N ARG B 431 4.87 -4.49 14.33
CA ARG B 431 3.49 -4.99 14.35
C ARG B 431 2.80 -4.55 15.65
N ASP B 432 3.05 -3.30 16.04
CA ASP B 432 2.85 -2.77 17.37
C ASP B 432 2.28 -1.36 17.28
N PRO B 433 1.51 -0.93 18.30
CA PRO B 433 1.01 0.47 18.31
C PRO B 433 2.09 1.53 18.46
N ASN B 434 3.22 1.23 19.10
CA ASN B 434 4.35 2.15 18.91
C ASN B 434 4.71 2.27 17.44
N GLY B 435 4.51 1.19 16.67
CA GLY B 435 4.89 1.23 15.27
C GLY B 435 4.06 2.24 14.51
N TYR B 436 2.75 2.17 14.67
CA TYR B 436 1.88 3.05 13.89
C TYR B 436 1.98 4.51 14.40
N ALA B 437 1.99 4.72 15.71
CA ALA B 437 2.15 6.08 16.22
C ALA B 437 3.54 6.65 15.94
N GLY B 438 4.58 5.80 15.89
CA GLY B 438 5.90 6.29 15.57
C GLY B 438 6.01 6.75 14.12
N ILE B 439 5.58 5.89 13.19
CA ILE B 439 5.56 6.23 11.77
C ILE B 439 4.62 7.40 11.50
N ALA B 440 3.45 7.42 12.14
CA ALA B 440 2.55 8.56 11.96
C ALA B 440 3.18 9.84 12.48
N TRP B 441 3.96 9.74 13.56
CA TRP B 441 4.66 10.92 14.07
C TRP B 441 5.60 11.49 13.00
N SER B 442 6.42 10.60 12.39
CA SER B 442 7.54 10.99 11.52
C SER B 442 7.09 11.43 10.14
N ILE B 443 5.93 11.02 9.67
CA ILE B 443 5.49 11.32 8.34
C ILE B 443 4.28 12.25 8.34
N GLY B 444 3.43 12.17 9.37
CA GLY B 444 2.19 12.92 9.38
C GLY B 444 2.04 13.88 10.53
N GLY B 445 3.11 14.10 11.29
CA GLY B 445 3.07 15.03 12.40
C GLY B 445 2.01 14.70 13.44
N VAL B 446 1.71 13.42 13.63
CA VAL B 446 0.76 13.06 14.67
C VAL B 446 1.48 13.16 16.02
N HIS B 447 0.94 13.97 16.93
CA HIS B 447 1.59 14.28 18.19
C HIS B 447 2.82 15.15 18.01
N ASP B 448 2.95 15.79 16.86
CA ASP B 448 3.96 16.83 16.61
C ASP B 448 3.24 18.13 16.25
N ARG B 449 3.95 19.09 15.68
CA ARG B 449 3.35 20.35 15.27
C ARG B 449 3.98 20.75 13.96
N ALA B 450 3.47 21.82 13.37
CA ALA B 450 4.01 22.25 12.09
C ALA B 450 5.41 22.84 12.26
N TRP B 451 6.19 22.79 11.19
CA TRP B 451 7.49 23.47 11.19
C TRP B 451 7.67 24.33 9.93
N GLY B 452 8.89 24.80 9.71
CA GLY B 452 9.13 25.64 8.54
C GLY B 452 8.75 24.94 7.24
N GLU B 453 8.19 25.70 6.31
CA GLU B 453 7.68 25.11 5.09
C GLU B 453 8.81 24.77 4.12
N ARG B 454 8.74 23.57 3.54
CA ARG B 454 9.75 23.06 2.62
C ARG B 454 9.08 22.35 1.46
N GLU B 455 9.72 22.41 0.28
CA GLU B 455 9.41 21.55 -0.85
C GLU B 455 9.15 20.12 -0.42
N VAL B 456 8.24 19.45 -1.11
CA VAL B 456 7.97 18.03 -0.93
C VAL B 456 7.36 17.78 0.44
N THR B 457 8.14 18.00 1.51
CA THR B 457 7.75 17.64 2.87
C THR B 457 6.80 18.61 3.54
N GLY B 458 6.66 19.85 3.03
CA GLY B 458 5.75 20.81 3.62
C GLY B 458 6.21 21.23 5.01
N LYS B 459 5.26 21.37 5.91
CA LYS B 459 5.48 21.84 7.27
C LYS B 459 5.72 20.70 8.26
N ILE B 460 6.07 19.49 7.77
CA ILE B 460 6.44 18.36 8.63
C ILE B 460 7.87 18.57 9.12
N ARG B 461 8.12 18.24 10.40
CA ARG B 461 9.44 18.43 10.98
C ARG B 461 10.48 17.81 10.08
N TYR B 462 11.47 18.63 9.69
CA TYR B 462 12.60 18.21 8.87
C TYR B 462 13.72 17.62 9.73
N MET B 463 14.44 16.66 9.17
CA MET B 463 15.68 16.17 9.78
C MET B 463 16.73 16.03 8.67
N SER B 464 17.83 16.77 8.80
CA SER B 464 18.86 16.78 7.77
C SER B 464 20.08 15.95 8.16
N TYR B 465 20.76 15.41 7.15
CA TYR B 465 21.98 14.66 7.38
C TYR B 465 23.00 15.49 8.14
N GLU B 466 23.03 16.80 7.90
CA GLU B 466 24.01 17.65 8.58
C GLU B 466 23.61 17.93 10.02
N GLY B 467 22.32 17.98 10.32
CA GLY B 467 21.90 18.03 11.70
C GLY B 467 22.43 16.85 12.47
N CYS B 468 22.50 15.67 11.83
CA CYS B 468 23.03 14.50 12.51
C CYS B 468 24.51 14.68 12.80
N LYS B 469 25.29 15.09 11.79
CA LYS B 469 26.73 15.29 11.99
C LYS B 469 27.05 16.24 13.14
N ARG B 470 26.16 17.19 13.46
CA ARG B 470 26.44 18.09 14.57
C ARG B 470 26.35 17.36 15.89
N LYS B 471 25.38 16.45 16.00
CA LYS B 471 24.95 15.88 17.26
C LYS B 471 25.74 14.63 17.65
N PHE B 472 26.17 13.80 16.70
CA PHE B 472 26.98 12.65 17.05
C PHE B 472 27.92 12.32 15.90
N ASP B 473 28.84 11.39 16.15
CA ASP B 473 29.83 10.97 15.16
C ASP B 473 29.16 10.01 14.20
N VAL B 474 28.65 10.56 13.09
CA VAL B 474 27.92 9.78 12.09
C VAL B 474 28.90 8.96 11.27
N LYS B 475 30.21 9.12 11.51
CA LYS B 475 31.17 8.32 10.75
C LYS B 475 31.26 6.92 11.33
N LEU B 476 31.31 6.80 12.66
CA LEU B 476 31.46 5.50 13.29
C LEU B 476 30.19 4.69 13.21
N TYR B 477 29.05 5.38 13.09
CA TYR B 477 27.81 4.70 12.80
C TYR B 477 27.89 4.03 11.43
N ILE B 478 28.09 4.83 10.38
CA ILE B 478 28.17 4.30 9.03
C ILE B 478 29.21 3.18 8.95
N GLU B 479 30.29 3.30 9.72
CA GLU B 479 31.32 2.25 9.68
C GLU B 479 30.89 1.00 10.44
N LYS B 480 30.13 1.16 11.53
CA LYS B 480 29.66 0.00 12.29
C LYS B 480 28.85 -0.96 11.42
N TYR B 481 28.21 -0.45 10.37
CA TYR B 481 27.28 -1.21 9.51
C TYR B 481 27.78 -1.18 8.08
N SER B 482 28.70 -2.11 7.77
CA SER B 482 29.26 -2.27 6.41
C SER B 482 29.48 -3.77 6.18
N ALA B 483 28.48 -4.43 5.59
CA ALA B 483 28.65 -5.81 5.14
C ALA B 483 27.73 -6.09 3.98
C1R WUH C 7 -22.35 4.22 -16.26
C1 WUH C 7 -22.13 0.19 -15.19
C2T WUH C 7 -20.96 3.23 -17.93
C2R WUH C 7 -22.70 4.37 -14.80
C3 WUH C 7 -22.40 -0.12 -13.74
C7 WUH C 7 -20.20 0.01 -16.63
C3' WUH C 7 -23.93 -0.22 -13.74
C3R WUH C 7 -23.74 5.50 -14.86
C4T WUH C 7 -18.61 2.92 -17.58
C4' WUH C 7 -24.35 0.49 -15.04
C4R WUH C 7 -23.19 6.39 -15.98
C2 WUH C 7 -18.01 0.57 -15.66
C5T WUH C 7 -18.76 3.44 -16.30
C5R WUH C 7 -22.46 7.61 -15.50
C5A WUH C 7 -17.69 4.21 -15.57
C5M WUH C 7 -18.00 1.53 -13.42
C4 WUH C 7 -25.45 1.52 -14.92
C8 WUH C 7 -18.69 1.27 -14.65
C6T WUH C 7 -20.09 3.21 -15.60
C5 WUH C 7 -20.13 1.78 -14.88
N1T WUH C 7 -21.12 3.52 -16.61
N2 WUH C 7 -20.80 0.67 -15.59
N3T WUH C 7 -19.78 2.60 -18.26
N1 WUH C 7 -18.84 0.14 -16.68
O2T WUH C 7 -21.79 3.52 -18.77
O1 WUH C 7 -20.80 -0.69 -17.42
O3' WUH C 7 -24.35 -1.58 -13.85
O4T WUH C 7 -17.51 2.70 -18.16
O4R WUH C 7 -22.28 5.55 -16.74
O5P WUH C 7 -25.57 4.43 -12.56
O2 WUH C 7 -23.15 1.10 -15.54
O3 WUH C 7 -16.81 0.29 -15.68
O5R WUH C 7 -23.37 8.45 -14.77
O4P WUH C 7 -27.12 3.58 -14.39
O4 WUH C 7 -24.90 2.61 -14.15
OP1 WUH C 7 -22.61 10.79 -15.38
OP2 WUH C 7 -24.41 9.64 -16.72
PB WUH C 7 -23.81 9.89 -15.35
P1 WUH C 7 -25.77 3.93 -13.95
C1R WUH E 7 10.07 14.87 22.06
C1 WUH E 7 13.17 13.82 19.58
C2T WUH E 7 10.83 12.80 23.01
C2R WUH E 7 9.40 15.55 20.88
C3 WUH E 7 12.76 14.65 18.38
C7 WUH E 7 13.00 11.66 20.58
C3' WUH E 7 13.64 15.89 18.58
C3R WUH E 7 8.71 16.75 21.51
C4T WUH E 7 9.83 10.72 22.26
C4' WUH E 7 13.79 15.99 20.11
C4R WUH E 7 8.43 16.29 22.93
C2 WUH E 7 11.42 10.07 19.58
C5T WUH E 7 9.18 11.42 21.24
C5R WUH E 7 6.97 16.06 23.23
C5A WUH E 7 7.88 11.00 20.59
C5M WUH E 7 9.88 10.99 17.86
C4 WUH E 7 13.18 17.22 20.75
C8 WUH E 7 10.75 11.16 18.99
C6T WUH E 7 9.83 12.71 20.75
C5 WUH E 7 10.91 12.56 19.58
N1T WUH E 7 10.28 13.43 21.95
N2 WUH E 7 12.34 12.68 19.94
N3T WUH E 7 10.78 11.42 23.00
N1 WUH E 7 12.49 10.41 20.37
O2T WUH E 7 11.36 13.39 23.94
O1 WUH E 7 13.99 11.86 21.29
O3' WUH E 7 14.93 15.75 18.00
O4T WUH E 7 9.65 9.51 22.55
O4R WUH E 7 9.20 15.09 23.16
O5P WUH E 7 10.23 18.51 19.20
O2 WUH E 7 13.24 14.76 20.64
O3 WUH E 7 11.11 8.89 19.45
O5R WUH E 7 6.55 17.20 23.99
O4P WUH E 7 11.39 19.61 21.19
O4 WUH E 7 11.74 17.17 20.74
OP1 WUH E 7 4.11 17.18 24.20
OP2 WUH E 7 5.16 17.93 22.03
PB WUH E 7 5.21 17.99 23.54
P1 WUH E 7 10.73 18.43 20.59
S SO4 G . 3.15 -13.64 -15.21
O1 SO4 G . 3.04 -12.27 -15.76
O2 SO4 G . 4.46 -14.16 -15.46
O3 SO4 G . 2.10 -14.52 -15.80
O4 SO4 G . 3.01 -13.65 -13.76
PA FDA H . -14.95 -1.83 -24.06
O1A FDA H . -14.71 -2.15 -25.48
O2A FDA H . -16.31 -1.97 -23.50
O5B FDA H . -14.51 -0.30 -23.84
C5B FDA H . -13.80 0.39 -24.90
C4B FDA H . -12.80 1.35 -24.29
O4B FDA H . -13.48 2.37 -23.54
C3B FDA H . -11.82 0.72 -23.30
O3B FDA H . -10.67 0.16 -23.94
C2B FDA H . -11.40 1.91 -22.46
O2B FDA H . -10.29 2.58 -23.07
C1B FDA H . -12.71 2.73 -22.41
N9A FDA H . -13.47 2.41 -21.22
C8A FDA H . -14.39 1.39 -21.06
N7A FDA H . -14.77 1.21 -19.82
C5A FDA H . -14.05 2.15 -19.11
C6A FDA H . -13.99 2.47 -17.75
N6A FDA H . -14.60 1.75 -16.80
N1A FDA H . -13.18 3.49 -17.36
C2A FDA H . -12.47 4.13 -18.30
N3A FDA H . -12.44 3.92 -19.61
C4A FDA H . -13.25 2.90 -19.96
N1 FDA H . -8.96 0.06 -17.64
C2 FDA H . -7.71 -0.18 -18.11
O2 FDA H . -7.41 -0.04 -19.32
N3 FDA H . -6.72 -0.61 -17.25
C4 FDA H . -6.91 -0.91 -15.91
O4 FDA H . -5.99 -1.38 -15.26
C4X FDA H . -8.26 -0.65 -15.44
N5 FDA H . -8.59 -0.92 -14.16
C5X FDA H . -9.92 -1.11 -13.83
C6 FDA H . -10.27 -1.76 -12.65
C7 FDA H . -11.60 -1.88 -12.28
C7M FDA H . -11.94 -2.41 -10.91
C8 FDA H . -12.60 -1.37 -13.12
C8M FDA H . -14.06 -1.47 -12.73
C9 FDA H . -12.26 -0.73 -14.30
C9A FDA H . -10.92 -0.60 -14.67
N10 FDA H . -10.52 0.00 -15.90
C10 FDA H . -9.22 -0.18 -16.34
C1' FDA H . -11.54 0.38 -16.90
C2' FDA H . -12.36 -0.65 -17.67
O2' FDA H . -12.88 -1.71 -16.86
C3' FDA H . -11.55 -1.21 -18.85
O3' FDA H . -11.07 -0.11 -19.61
C4' FDA H . -12.35 -2.10 -19.78
O4' FDA H . -12.39 -3.46 -19.32
C5' FDA H . -11.77 -2.04 -21.18
O5' FDA H . -11.96 -3.30 -21.83
P FDA H . -12.46 -3.26 -23.33
O1P FDA H . -12.48 -4.70 -23.66
O2P FDA H . -11.62 -2.30 -24.08
O3P FDA H . -13.94 -2.66 -23.14
PA FDA I . 13.94 3.44 25.19
O1A FDA I . 14.29 2.79 26.48
O2A FDA I . 14.40 4.82 24.92
O5B FDA I . 12.35 3.27 25.15
C5B FDA I . 11.75 2.47 26.20
C4B FDA I . 10.30 2.21 25.91
O4B FDA I . 9.57 3.46 25.83
C3B FDA I . 10.00 1.52 24.58
O3B FDA I . 10.09 0.09 24.61
C2B FDA I . 8.53 1.89 24.40
O2B FDA I . 7.78 1.13 25.33
C1B FDA I . 8.57 3.36 24.83
N9A FDA I . 8.88 4.29 23.74
C8A FDA I . 10.08 4.91 23.49
N7A FDA I . 10.07 5.72 22.46
C5A FDA I . 8.76 5.64 22.00
C6A FDA I . 8.08 6.29 20.96
N6A FDA I . 8.67 7.17 20.13
N1A FDA I . 6.78 6.01 20.77
C2A FDA I . 6.19 5.14 21.61
N3A FDA I . 6.72 4.47 22.64
C4A FDA I . 8.02 4.76 22.78
N1 FDA I . 8.46 1.16 18.59
C2 FDA I . 8.23 -0.16 18.64
O2 FDA I . 8.33 -0.81 19.69
N3 FDA I . 7.89 -0.83 17.48
C4 FDA I . 7.72 -0.24 16.23
O4 FDA I . 7.21 -0.87 15.31
C4X FDA I . 8.06 1.12 16.22
N5 FDA I . 8.14 1.73 15.03
C5X FDA I . 8.73 2.99 14.92
C6 FDA I . 9.06 3.51 13.67
C7 FDA I . 9.61 4.78 13.56
C7M FDA I . 9.85 5.37 12.20
C8 FDA I . 9.85 5.54 14.72
C8M FDA I . 10.38 6.96 14.63
C9 FDA I . 9.53 5.01 15.97
C9A FDA I . 8.97 3.74 16.08
N10 FDA I . 8.70 3.15 17.34
C10 FDA I . 8.38 1.79 17.39
C1' FDA I . 8.92 3.89 18.59
C2' FDA I . 10.28 4.00 19.30
O2' FDA I . 11.29 4.50 18.42
C3' FDA I . 10.71 2.63 19.83
O3' FDA I . 9.76 2.16 20.79
C4' FDA I . 12.12 2.62 20.43
O4' FDA I . 13.11 2.40 19.42
C5' FDA I . 12.26 1.58 21.54
O5' FDA I . 13.66 1.41 21.87
P FDA I . 14.07 1.10 23.37
O1P FDA I . 12.89 0.52 24.03
O2P FDA I . 15.36 0.38 23.37
O3P FDA I . 14.42 2.55 23.96
#